data_6ZPW
#
_entry.id   6ZPW
#
_cell.length_a   114.953
_cell.length_b   125.838
_cell.length_c   161.226
_cell.angle_alpha   90.000
_cell.angle_beta   90.000
_cell.angle_gamma   90.000
#
_symmetry.space_group_name_H-M   'C 2 2 21'
#
loop_
_entity.id
_entity.type
_entity.pdbx_description
1 polymer MgGH51
2 branched alpha-D-mannopyranose-(1-6)-beta-D-mannopyranose-(1-4)-2-acetamido-2-deoxy-beta-D-glucopyranose-(1-4)-2-acetamido-2-deoxy-beta-D-glucopyranose
3 branched 2-acetamido-2-deoxy-beta-D-glucopyranose-(1-4)-2-acetamido-2-deoxy-beta-D-glucopyranose
4 non-polymer GLYCEROL
5 non-polymer 'SULFATE ION'
6 non-polymer 'ACETATE ION'
7 non-polymer 'CHLORIDE ION'
8 water water
#
_entity_poly.entity_id   1
_entity_poly.type   'polypeptide(L)'
_entity_poly.pdbx_seq_one_letter_code
;VTVTVNKNPSHTVPSTLYGLMFEDINHSGDGGLYAELLQNRAFQQVTPNTAAALAAWHPISNAKLAVIQDPSPVSNALPN
SLQFSVPSGSSGRVGFTNEGFWGIKVDSTWTYKASLFFRFPTSSSFSGALTVGLQTNAGRVLAQNSTQIRGTTTKWTQIN
LELHPTASAPDVSNSFFVTIDGAAGAGQTINFAMFSLFPPTFKNRPNGLRADIAETLAEMGPSFFRFPGGNNLEGQTTAT
RWQWNATVGSLLDRPGRVGDWGYVNTDGLGLLEYLQFFEDTGMEPIMAVWAGYSLGGTSLAENQLAPYIQQAIDQINFVI
GDPAKSAPAALRASLGHPEPFTLRFVEVGNEDFFAAGSYPYRWHDFVTALQAQFPQIRFIATTNAWNPVLSPVPQSYDVH
VYQTPTWFYQNAFYYDGFQRNGTTYFEGEYAAISTNANDLFGTVADGRLAFPTVQSATGEAAFMTGLERNSDIVFAASYA
PLLQHVNSTQWTPDLVSYDAGSVIKSTSFFAQKLFALNKGDQYLPSTLPTNGGTLHWSITRASSSGKTFIKIANAGSSAQ
SLTFQLTQFNSVSSTGTLQVLTGPETASNTPEAPQAIVPKTSTIGTGKTFTYNAPAFSVSVITVTTN
;
_entity_poly.pdbx_strand_id   AAA
#
loop_
_chem_comp.id
_chem_comp.type
_chem_comp.name
_chem_comp.formula
ACT non-polymer 'ACETATE ION' 'C2 H3 O2 -1'
BMA D-saccharide, beta linking beta-D-mannopyranose 'C6 H12 O6'
CL non-polymer 'CHLORIDE ION' 'Cl -1'
GOL non-polymer GLYCEROL 'C3 H8 O3'
MAN D-saccharide, alpha linking alpha-D-mannopyranose 'C6 H12 O6'
NAG D-saccharide, beta linking 2-acetamido-2-deoxy-beta-D-glucopyranose 'C8 H15 N O6'
SO4 non-polymer 'SULFATE ION' 'O4 S -2'
#
# COMPACT_ATOMS: atom_id res chain seq x y z
N VAL A 1 -35.58 10.26 -14.41
CA VAL A 1 -35.68 8.79 -14.52
C VAL A 1 -36.36 8.23 -13.29
N THR A 2 -37.30 7.29 -13.50
CA THR A 2 -38.03 6.63 -12.41
C THR A 2 -37.33 5.31 -12.12
N VAL A 3 -36.96 5.12 -10.85
CA VAL A 3 -36.21 3.94 -10.39
C VAL A 3 -37.07 3.18 -9.40
N THR A 4 -37.53 1.99 -9.78
CA THR A 4 -38.26 1.11 -8.88
C THR A 4 -37.24 0.26 -8.13
N VAL A 5 -37.39 0.20 -6.82
CA VAL A 5 -36.49 -0.57 -5.93
C VAL A 5 -37.27 -1.74 -5.38
N ASN A 6 -36.88 -2.96 -5.70
CA ASN A 6 -37.57 -4.15 -5.21
C ASN A 6 -37.28 -4.35 -3.72
N LYS A 7 -38.27 -4.85 -2.98
CA LYS A 7 -38.12 -5.27 -1.57
C LYS A 7 -37.42 -6.61 -1.46
N ASN A 8 -37.67 -7.53 -2.37
CA ASN A 8 -37.08 -8.88 -2.31
C ASN A 8 -35.67 -8.76 -2.88
N PRO A 9 -34.61 -9.07 -2.08
CA PRO A 9 -33.25 -9.02 -2.61
C PRO A 9 -33.06 -10.04 -3.73
N SER A 10 -32.03 -9.80 -4.54
CA SER A 10 -31.64 -10.81 -5.55
C SER A 10 -30.47 -11.64 -5.04
N HIS A 11 -29.63 -11.10 -4.17
CA HIS A 11 -28.46 -11.85 -3.69
C HIS A 11 -27.88 -11.15 -2.49
N THR A 12 -26.99 -11.89 -1.82
CA THR A 12 -26.21 -11.40 -0.68
C THR A 12 -24.94 -10.70 -1.18
N VAL A 13 -24.70 -9.51 -0.65
CA VAL A 13 -23.47 -8.76 -0.99
C VAL A 13 -22.31 -9.33 -0.22
N PRO A 14 -21.20 -9.70 -0.90
CA PRO A 14 -20.06 -10.26 -0.18
C PRO A 14 -19.46 -9.29 0.83
N SER A 15 -18.97 -9.84 1.94
CA SER A 15 -18.25 -9.04 2.94
C SER A 15 -16.98 -8.41 2.33
N THR A 16 -16.42 -9.05 1.33
CA THR A 16 -15.14 -8.69 0.72
C THR A 16 -15.24 -7.68 -0.43
N LEU A 17 -16.44 -7.14 -0.73
CA LEU A 17 -16.61 -6.39 -1.99
C LEU A 17 -15.57 -5.28 -2.15
N TYR A 18 -15.32 -4.50 -1.11
CA TYR A 18 -14.42 -3.33 -1.27
C TYR A 18 -13.18 -3.51 -0.38
N GLY A 19 -12.02 -3.27 -0.97
CA GLY A 19 -10.76 -3.36 -0.21
C GLY A 19 -9.64 -2.68 -0.94
N LEU A 20 -8.41 -3.00 -0.52
CA LEU A 20 -7.21 -2.26 -0.92
C LEU A 20 -6.25 -3.13 -1.71
N MET A 21 -5.48 -2.49 -2.59
CA MET A 21 -4.40 -3.15 -3.39
C MET A 21 -3.07 -2.49 -3.08
N PHE A 22 -2.14 -3.27 -2.55
CA PHE A 22 -0.84 -2.73 -2.17
C PHE A 22 0.30 -3.44 -2.89
N GLU A 23 1.24 -2.63 -3.34
CA GLU A 23 2.63 -3.04 -3.62
C GLU A 23 3.46 -1.85 -3.24
N ASP A 24 4.76 -2.02 -3.13
CA ASP A 24 5.70 -0.91 -2.86
C ASP A 24 5.98 -0.24 -4.22
N ILE A 25 5.26 0.87 -4.45
CA ILE A 25 5.34 1.74 -5.64
C ILE A 25 5.18 3.16 -5.12
N ASN A 26 5.86 4.11 -5.77
CA ASN A 26 5.79 5.51 -5.31
C ASN A 26 6.20 5.60 -3.85
N HIS A 27 7.13 4.74 -3.40
CA HIS A 27 7.54 4.76 -1.98
C HIS A 27 6.35 4.61 -1.05
N SER A 28 5.43 3.70 -1.41
CA SER A 28 4.30 3.37 -0.55
C SER A 28 4.65 2.48 0.62
N GLY A 29 5.77 1.75 0.51
CA GLY A 29 6.19 0.86 1.60
C GLY A 29 7.36 1.55 2.29
N ASP A 30 8.56 1.36 1.76
CA ASP A 30 9.74 2.14 2.18
C ASP A 30 9.47 3.62 1.84
N GLY A 31 9.41 4.48 2.84
CA GLY A 31 9.10 5.89 2.60
C GLY A 31 7.64 6.21 2.80
N GLY A 32 6.81 5.25 3.13
CA GLY A 32 5.36 5.39 3.12
C GLY A 32 4.74 4.70 4.34
N LEU A 33 3.99 3.64 4.09
CA LEU A 33 3.30 2.93 5.16
C LEU A 33 4.30 2.42 6.21
N TYR A 34 5.48 1.92 5.77
CA TYR A 34 6.49 1.45 6.74
C TYR A 34 7.15 2.67 7.42
N ALA A 35 7.21 2.71 8.75
CA ALA A 35 7.47 3.96 9.49
C ALA A 35 8.94 4.38 9.49
N GLU A 36 9.87 3.53 9.04
CA GLU A 36 11.30 3.92 9.02
C GLU A 36 11.49 5.29 8.36
N LEU A 37 12.35 6.10 8.99
CA LEU A 37 12.56 7.48 8.53
C LEU A 37 13.85 7.64 7.73
N LEU A 38 14.80 6.69 7.80
CA LEU A 38 16.08 6.84 7.09
C LEU A 38 16.00 6.13 5.74
N GLN A 39 16.41 6.82 4.68
CA GLN A 39 16.44 6.20 3.36
C GLN A 39 17.80 5.53 3.17
N ASN A 40 17.83 4.40 2.48
CA ASN A 40 19.11 3.68 2.22
C ASN A 40 19.76 3.38 3.59
N ARG A 41 19.00 2.85 4.53
CA ARG A 41 19.42 2.75 5.95
C ARG A 41 20.53 1.73 6.15
N ALA A 42 20.65 0.75 5.27
CA ALA A 42 21.59 -0.38 5.48
C ALA A 42 22.36 -0.68 4.21
N PHE A 43 22.40 0.26 3.25
CA PHE A 43 23.22 0.10 2.04
C PHE A 43 22.87 -1.21 1.36
N GLN A 44 21.58 -1.58 1.35
CA GLN A 44 21.16 -2.84 0.69
C GLN A 44 21.22 -2.70 -0.83
N GLN A 45 21.81 -3.70 -1.49
CA GLN A 45 21.71 -3.89 -2.95
C GLN A 45 22.24 -2.67 -3.69
N VAL A 46 23.28 -2.04 -3.16
CA VAL A 46 24.04 -0.98 -3.83
C VAL A 46 25.47 -1.46 -4.09
N THR A 47 26.12 -0.81 -5.02
CA THR A 47 27.49 -1.16 -5.45
C THR A 47 28.48 -0.35 -4.63
N PRO A 48 29.37 -1.01 -3.88
CA PRO A 48 30.38 -0.29 -3.10
C PRO A 48 31.21 0.67 -3.96
N ASN A 49 31.62 1.77 -3.31
CA ASN A 49 32.56 2.73 -3.89
C ASN A 49 31.94 3.45 -5.10
N THR A 50 30.63 3.66 -5.03
CA THR A 50 29.89 4.51 -5.99
C THR A 50 29.17 5.64 -5.27
N ALA A 51 28.90 6.70 -6.00
CA ALA A 51 28.05 7.79 -5.45
C ALA A 51 26.64 7.24 -5.20
N ALA A 52 26.13 6.36 -6.07
CA ALA A 52 24.77 5.85 -5.86
C ALA A 52 24.65 5.13 -4.53
N ALA A 53 25.70 4.44 -4.10
CA ALA A 53 25.65 3.70 -2.82
C ALA A 53 25.44 4.65 -1.64
N LEU A 54 25.86 5.91 -1.77
CA LEU A 54 25.72 6.92 -0.71
C LEU A 54 24.40 7.69 -0.83
N ALA A 55 23.47 7.23 -1.65
CA ALA A 55 22.21 7.97 -1.80
C ALA A 55 21.59 8.23 -0.44
N ALA A 56 21.14 9.48 -0.24
CA ALA A 56 20.47 10.01 0.97
C ALA A 56 21.43 10.39 2.10
N TRP A 57 22.72 10.04 1.97
CA TRP A 57 23.74 10.31 2.99
C TRP A 57 24.66 11.44 2.55
N HIS A 58 25.04 12.28 3.52
CA HIS A 58 25.83 13.48 3.19
C HIS A 58 26.83 13.73 4.32
N PRO A 59 28.02 14.25 4.01
CA PRO A 59 28.96 14.59 5.05
C PRO A 59 28.57 15.83 5.83
N ILE A 60 29.04 15.86 7.08
CA ILE A 60 29.12 17.11 7.87
C ILE A 60 30.60 17.51 7.93
N SER A 61 30.89 18.76 7.63
CA SER A 61 32.28 19.26 7.65
C SER A 61 33.12 18.41 6.72
N ASN A 62 34.37 18.15 7.11
CA ASN A 62 35.34 17.48 6.22
C ASN A 62 35.29 15.95 6.31
N ALA A 63 34.17 15.37 6.74
CA ALA A 63 34.04 13.90 6.79
C ALA A 63 34.25 13.31 5.39
N LYS A 64 34.89 12.14 5.37
CA LYS A 64 35.08 11.35 4.17
C LYS A 64 34.19 10.11 4.29
N LEU A 65 33.34 9.89 3.31
CA LEU A 65 32.36 8.79 3.33
C LEU A 65 32.57 7.90 2.11
N ALA A 66 32.45 6.59 2.33
CA ALA A 66 32.41 5.62 1.23
C ALA A 66 31.63 4.40 1.69
N VAL A 67 30.86 3.82 0.80
CA VAL A 67 30.24 2.52 1.10
C VAL A 67 31.21 1.44 0.64
N ILE A 68 31.48 0.49 1.52
CA ILE A 68 32.45 -0.61 1.25
C ILE A 68 31.75 -1.95 1.38
N GLN A 69 32.30 -2.92 0.68
CA GLN A 69 32.04 -4.34 0.93
C GLN A 69 32.90 -4.70 2.14
N ASP A 70 32.32 -4.74 3.30
CA ASP A 70 33.10 -4.80 4.56
C ASP A 70 33.81 -6.16 4.58
N PRO A 71 35.12 -6.23 4.89
CA PRO A 71 35.76 -7.54 5.09
C PRO A 71 35.17 -8.35 6.26
N SER A 72 34.51 -7.70 7.23
CA SER A 72 33.86 -8.37 8.38
C SER A 72 32.49 -7.72 8.55
N PRO A 73 31.49 -8.09 7.71
CA PRO A 73 30.23 -7.34 7.69
C PRO A 73 29.40 -7.61 8.94
N VAL A 74 28.38 -6.78 9.14
CA VAL A 74 27.54 -6.88 10.34
C VAL A 74 26.74 -8.18 10.34
N SER A 75 26.43 -8.69 9.17
CA SER A 75 25.66 -9.96 9.02
C SER A 75 25.91 -10.46 7.60
N ASN A 76 25.53 -11.73 7.38
CA ASN A 76 25.55 -12.33 6.04
C ASN A 76 24.64 -11.56 5.09
N ALA A 77 23.49 -11.09 5.57
CA ALA A 77 22.51 -10.43 4.69
C ALA A 77 22.88 -8.98 4.35
N LEU A 78 23.80 -8.38 5.10
CA LEU A 78 24.10 -6.94 4.99
C LEU A 78 25.63 -6.78 4.79
N PRO A 79 26.11 -7.05 3.58
CA PRO A 79 27.54 -7.06 3.32
C PRO A 79 28.21 -5.68 3.22
N ASN A 80 27.41 -4.63 3.13
CA ASN A 80 27.94 -3.27 2.95
C ASN A 80 27.93 -2.50 4.25
N SER A 81 28.96 -1.65 4.41
CA SER A 81 29.08 -0.72 5.55
C SER A 81 29.39 0.69 5.02
N LEU A 82 29.06 1.69 5.86
CA LEU A 82 29.50 3.06 5.62
C LEU A 82 30.84 3.22 6.33
N GLN A 83 31.85 3.56 5.56
CA GLN A 83 33.18 3.90 6.10
C GLN A 83 33.22 5.41 6.27
N PHE A 84 33.38 5.83 7.54
CA PHE A 84 33.41 7.24 7.93
C PHE A 84 34.83 7.55 8.39
N SER A 85 35.46 8.53 7.78
CA SER A 85 36.84 8.93 8.13
CA SER A 85 36.79 8.92 8.27
C SER A 85 36.88 10.44 8.44
N VAL A 86 37.66 10.80 9.45
CA VAL A 86 37.90 12.21 9.82
C VAL A 86 39.36 12.51 9.49
N PRO A 87 39.64 13.48 8.61
CA PRO A 87 41.04 13.85 8.36
C PRO A 87 41.81 14.23 9.62
N SER A 88 43.12 13.98 9.58
CA SER A 88 44.04 14.56 10.58
C SER A 88 43.87 16.10 10.51
N GLY A 89 44.16 16.78 11.59
CA GLY A 89 44.15 18.26 11.58
C GLY A 89 42.77 18.85 11.71
N SER A 90 41.89 18.13 12.36
CA SER A 90 40.47 18.46 12.46
C SER A 90 40.06 19.00 13.83
N SER A 91 38.93 19.69 13.81
CA SER A 91 38.24 20.17 15.03
C SER A 91 36.78 20.47 14.69
N GLY A 92 35.95 20.54 15.72
CA GLY A 92 34.53 20.88 15.55
C GLY A 92 33.68 19.69 15.17
N ARG A 93 32.39 19.88 15.04
CA ARG A 93 31.51 18.70 14.78
C ARG A 93 31.83 18.15 13.39
N VAL A 94 31.87 16.84 13.31
CA VAL A 94 32.14 16.12 12.04
CA VAL A 94 32.12 16.14 12.04
C VAL A 94 31.29 14.85 12.06
N GLY A 95 30.81 14.44 10.90
CA GLY A 95 29.90 13.27 10.89
C GLY A 95 29.19 13.22 9.56
N PHE A 96 27.91 12.88 9.62
CA PHE A 96 27.12 12.68 8.39
C PHE A 96 25.64 12.80 8.75
N THR A 97 24.87 13.02 7.68
CA THR A 97 23.41 13.14 7.78
C THR A 97 22.74 12.16 6.83
N ASN A 98 21.48 11.87 7.17
CA ASN A 98 20.55 11.19 6.25
C ASN A 98 19.37 12.13 6.02
N GLU A 99 19.06 12.36 4.76
CA GLU A 99 17.97 13.33 4.41
C GLU A 99 16.57 12.73 4.53
N GLY A 100 16.46 11.47 4.89
CA GLY A 100 15.18 10.81 4.97
C GLY A 100 14.64 10.54 3.57
N PHE A 101 13.35 10.27 3.52
CA PHE A 101 12.58 10.15 2.27
C PHE A 101 12.08 11.57 1.97
N TRP A 102 12.95 12.39 1.44
CA TRP A 102 12.57 13.77 1.06
C TRP A 102 12.09 14.53 2.30
N GLY A 103 12.73 14.31 3.43
CA GLY A 103 12.42 15.02 4.67
C GLY A 103 12.12 14.09 5.81
N ILE A 104 11.99 14.66 6.99
CA ILE A 104 11.64 13.94 8.24
C ILE A 104 10.76 14.87 9.06
N LYS A 105 9.55 14.42 9.42
CA LYS A 105 8.71 15.20 10.32
C LYS A 105 9.29 15.13 11.74
N VAL A 106 9.55 16.28 12.32
CA VAL A 106 10.11 16.40 13.68
C VAL A 106 9.05 17.07 14.54
N ASP A 107 8.46 16.32 15.42
CA ASP A 107 7.30 16.71 16.25
C ASP A 107 7.70 16.59 17.72
N SER A 108 7.49 17.64 18.51
CA SER A 108 7.88 17.68 19.93
C SER A 108 7.06 16.71 20.77
N THR A 109 5.93 16.20 20.29
CA THR A 109 5.12 15.26 21.08
C THR A 109 5.55 13.81 20.80
N TRP A 110 6.51 13.61 19.89
CA TRP A 110 6.95 12.25 19.50
C TRP A 110 8.30 11.90 20.13
N THR A 111 8.42 10.66 20.59
CA THR A 111 9.70 10.02 20.94
C THR A 111 10.17 9.23 19.72
N TYR A 112 11.39 9.43 19.30
CA TYR A 112 12.00 8.67 18.19
C TYR A 112 12.98 7.66 18.77
N LYS A 113 13.14 6.55 18.07
CA LYS A 113 14.09 5.49 18.46
C LYS A 113 15.15 5.39 17.36
N ALA A 114 16.37 5.74 17.72
CA ALA A 114 17.53 5.71 16.80
C ALA A 114 18.37 4.47 17.14
N SER A 115 18.92 3.86 16.12
CA SER A 115 19.89 2.77 16.35
C SER A 115 20.85 2.70 15.19
N LEU A 116 21.97 2.06 15.47
CA LEU A 116 22.99 1.81 14.45
C LEU A 116 23.93 0.75 15.01
N PHE A 117 24.72 0.20 14.11
CA PHE A 117 25.85 -0.66 14.51
C PHE A 117 27.14 0.01 14.06
N PHE A 118 28.19 -0.11 14.89
CA PHE A 118 29.52 0.42 14.54
C PHE A 118 30.61 -0.55 14.96
N ARG A 119 31.76 -0.35 14.34
CA ARG A 119 33.00 -0.93 14.88
C ARG A 119 34.13 -0.11 14.31
N PHE A 120 35.26 -0.12 15.01
CA PHE A 120 36.52 0.45 14.48
C PHE A 120 37.21 -0.65 13.69
N PRO A 121 37.43 -0.49 12.38
CA PRO A 121 38.05 -1.56 11.60
C PRO A 121 39.53 -1.77 11.96
N THR A 122 40.20 -0.73 12.39
CA THR A 122 41.52 -0.78 13.01
C THR A 122 41.38 -0.29 14.42
N SER A 123 41.82 -1.07 15.39
CA SER A 123 41.82 -0.66 16.79
C SER A 123 42.52 0.69 16.93
N SER A 124 41.93 1.58 17.73
CA SER A 124 42.40 2.96 17.87
C SER A 124 42.29 3.47 19.30
N SER A 125 42.91 4.63 19.47
CA SER A 125 42.99 5.36 20.75
C SER A 125 41.79 6.28 20.96
N PHE A 126 40.83 6.28 20.04
CA PHE A 126 39.67 7.17 20.17
C PHE A 126 38.98 6.96 21.51
N SER A 127 38.60 8.05 22.14
CA SER A 127 37.72 7.99 23.32
C SER A 127 36.83 9.24 23.34
N GLY A 128 35.52 9.03 23.21
CA GLY A 128 34.64 10.21 23.17
C GLY A 128 33.22 9.82 22.88
N ALA A 129 32.38 10.83 22.91
CA ALA A 129 30.94 10.62 22.69
C ALA A 129 30.61 10.51 21.20
N LEU A 130 29.72 9.58 20.92
CA LEU A 130 29.00 9.43 19.64
CA LEU A 130 29.03 9.51 19.62
C LEU A 130 27.63 10.07 19.85
N THR A 131 27.31 11.12 19.08
CA THR A 131 26.03 11.84 19.18
C THR A 131 25.17 11.47 17.98
N VAL A 132 23.91 11.16 18.22
CA VAL A 132 22.92 11.05 17.13
C VAL A 132 21.85 12.13 17.36
N GLY A 133 21.15 12.48 16.30
CA GLY A 133 20.14 13.50 16.51
C GLY A 133 19.35 13.81 15.25
N LEU A 134 18.57 14.89 15.39
CA LEU A 134 17.81 15.47 14.28
C LEU A 134 18.23 16.93 14.18
N GLN A 135 18.37 17.42 12.96
CA GLN A 135 18.70 18.82 12.69
C GLN A 135 17.85 19.33 11.56
N THR A 136 17.66 20.64 11.53
CA THR A 136 17.15 21.24 10.31
C THR A 136 18.21 21.06 9.21
N ASN A 137 17.83 21.17 7.95
CA ASN A 137 18.80 20.99 6.86
C ASN A 137 19.80 22.13 6.81
N ALA A 138 19.48 23.26 7.44
CA ALA A 138 20.44 24.39 7.56
C ALA A 138 21.43 24.15 8.71
N GLY A 139 21.23 23.12 9.53
CA GLY A 139 22.22 22.72 10.56
C GLY A 139 21.85 23.05 11.99
N ARG A 140 20.59 23.38 12.28
CA ARG A 140 20.18 23.67 13.68
C ARG A 140 19.72 22.37 14.34
N VAL A 141 20.30 22.05 15.47
CA VAL A 141 19.98 20.81 16.19
C VAL A 141 18.59 20.94 16.79
N LEU A 142 17.77 19.94 16.53
CA LEU A 142 16.38 19.83 17.05
C LEU A 142 16.30 18.87 18.23
N ALA A 143 17.14 17.83 18.21
CA ALA A 143 17.17 16.80 19.27
C ALA A 143 18.53 16.11 19.20
N GLN A 144 19.04 15.70 20.33
CA GLN A 144 20.30 14.88 20.28
C GLN A 144 20.34 13.97 21.50
N ASN A 145 21.22 12.96 21.39
CA ASN A 145 21.51 12.04 22.49
C ASN A 145 22.85 11.43 22.18
N SER A 146 23.55 10.96 23.19
CA SER A 146 24.93 10.48 22.97
CA SER A 146 24.93 10.48 22.97
C SER A 146 25.26 9.30 23.89
N THR A 147 26.31 8.59 23.50
CA THR A 147 26.88 7.54 24.33
C THR A 147 28.39 7.53 24.11
N GLN A 148 29.12 7.09 25.13
CA GLN A 148 30.59 7.02 25.02
C GLN A 148 30.97 5.79 24.20
N ILE A 149 31.92 5.96 23.29
CA ILE A 149 32.52 4.81 22.55
C ILE A 149 34.03 4.89 22.63
N ARG A 150 34.63 3.75 22.33
CA ARG A 150 36.10 3.64 22.39
C ARG A 150 36.62 2.99 21.10
N GLY A 151 37.75 3.49 20.61
CA GLY A 151 38.37 2.98 19.39
C GLY A 151 38.88 1.55 19.54
N THR A 152 38.95 1.02 20.76
CA THR A 152 39.32 -0.40 20.94
C THR A 152 38.15 -1.33 20.65
N THR A 153 36.97 -0.79 20.35
CA THR A 153 35.78 -1.61 19.99
C THR A 153 35.89 -2.00 18.50
N THR A 154 36.46 -3.18 18.24
CA THR A 154 36.68 -3.70 16.89
C THR A 154 35.58 -4.69 16.48
N LYS A 155 34.71 -5.04 17.40
CA LYS A 155 33.57 -5.95 17.13
C LYS A 155 32.31 -5.11 16.96
N TRP A 156 31.44 -5.56 16.08
CA TRP A 156 30.16 -4.87 15.84
C TRP A 156 29.39 -4.70 17.13
N THR A 157 28.92 -3.48 17.33
CA THR A 157 28.27 -3.04 18.56
C THR A 157 27.05 -2.17 18.21
N GLN A 158 25.89 -2.54 18.77
CA GLN A 158 24.67 -1.72 18.52
C GLN A 158 24.55 -0.60 19.55
N ILE A 159 24.24 0.59 19.07
N ILE A 159 24.20 0.57 19.04
CA ILE A 159 23.83 1.76 19.91
CA ILE A 159 23.82 1.80 19.80
C ILE A 159 22.33 1.95 19.70
C ILE A 159 22.29 1.92 19.68
N ASN A 160 21.62 2.17 20.80
CA ASN A 160 20.16 2.41 20.80
C ASN A 160 19.91 3.64 21.68
N LEU A 161 19.47 4.74 21.07
CA LEU A 161 19.23 6.00 21.79
C LEU A 161 17.88 6.57 21.35
N GLU A 162 17.15 7.08 22.32
CA GLU A 162 15.92 7.83 22.00
C GLU A 162 16.24 9.29 21.70
N LEU A 163 15.34 9.92 20.95
CA LEU A 163 15.39 11.36 20.66
C LEU A 163 14.05 11.98 21.06
N HIS A 164 14.14 13.11 21.75
CA HIS A 164 13.01 13.84 22.35
C HIS A 164 13.08 15.30 21.97
N PRO A 165 12.67 15.70 20.76
CA PRO A 165 12.74 17.12 20.39
C PRO A 165 11.83 17.94 21.33
N THR A 166 12.28 19.07 21.79
CA THR A 166 11.44 19.95 22.67
C THR A 166 10.53 20.85 21.85
N ALA A 167 10.90 21.14 20.61
CA ALA A 167 10.08 21.95 19.69
C ALA A 167 9.96 21.26 18.35
N SER A 168 8.78 21.34 17.77
CA SER A 168 8.57 20.84 16.40
C SER A 168 9.37 21.69 15.43
N ALA A 169 9.84 21.09 14.35
CA ALA A 169 10.42 21.83 13.22
C ALA A 169 9.32 22.61 12.52
N PRO A 170 9.69 23.69 11.83
CA PRO A 170 8.71 24.48 11.08
C PRO A 170 8.25 23.86 9.77
N ASP A 171 8.99 22.87 9.27
CA ASP A 171 8.65 22.13 8.03
C ASP A 171 9.37 20.78 8.10
N VAL A 172 9.34 20.01 7.03
CA VAL A 172 9.92 18.65 7.03
C VAL A 172 11.36 18.66 6.49
N SER A 173 11.96 19.81 6.24
CA SER A 173 13.34 19.88 5.69
CA SER A 173 13.33 19.91 5.71
C SER A 173 14.36 19.71 6.82
N ASN A 174 14.42 18.47 7.33
CA ASN A 174 15.25 18.04 8.48
C ASN A 174 15.93 16.72 8.11
N SER A 175 17.02 16.49 8.83
CA SER A 175 17.87 15.30 8.61
C SER A 175 18.22 14.66 9.96
N PHE A 176 18.46 13.37 9.90
CA PHE A 176 19.10 12.63 10.99
C PHE A 176 20.62 12.84 10.87
N PHE A 177 21.30 12.94 12.02
CA PHE A 177 22.76 13.12 12.01
C PHE A 177 23.38 12.14 12.98
N VAL A 178 24.68 11.91 12.67
CA VAL A 178 25.63 11.21 13.57
C VAL A 178 26.90 12.06 13.57
N THR A 179 27.36 12.48 14.76
CA THR A 179 28.59 13.25 14.84
C THR A 179 29.49 12.73 15.97
N ILE A 180 30.77 13.03 15.79
CA ILE A 180 31.76 13.00 16.88
C ILE A 180 32.44 14.36 16.92
N ASP A 181 33.19 14.60 17.98
CA ASP A 181 34.05 15.79 18.06
C ASP A 181 35.23 15.60 17.13
N GLY A 182 35.45 16.48 16.16
CA GLY A 182 36.49 16.30 15.14
C GLY A 182 37.90 16.40 15.69
N ALA A 183 38.10 17.06 16.80
CA ALA A 183 39.43 17.08 17.44
C ALA A 183 39.68 15.69 18.03
N ALA A 184 38.77 15.20 18.86
CA ALA A 184 38.87 13.85 19.44
C ALA A 184 38.99 12.85 18.29
N GLY A 185 38.22 13.04 17.21
CA GLY A 185 38.16 12.13 16.08
C GLY A 185 39.19 12.29 15.01
N ALA A 186 40.13 13.21 15.18
CA ALA A 186 41.05 13.51 14.07
C ALA A 186 41.83 12.22 13.69
N GLY A 187 41.84 11.92 12.42
CA GLY A 187 42.57 10.77 11.89
C GLY A 187 41.85 9.45 12.10
N GLN A 188 40.61 9.42 12.57
CA GLN A 188 39.90 8.17 12.90
C GLN A 188 39.04 7.68 11.74
N THR A 189 38.86 6.36 11.67
CA THR A 189 37.91 5.70 10.76
C THR A 189 36.99 4.81 11.58
N ILE A 190 35.70 4.87 11.30
CA ILE A 190 34.65 4.02 11.91
C ILE A 190 33.79 3.44 10.80
N ASN A 191 33.50 2.16 10.93
CA ASN A 191 32.53 1.51 10.02
C ASN A 191 31.16 1.44 10.69
N PHE A 192 30.12 1.73 9.92
CA PHE A 192 28.73 1.68 10.41
C PHE A 192 27.89 0.78 9.52
N ALA A 193 26.83 0.26 10.11
CA ALA A 193 25.89 -0.59 9.34
C ALA A 193 24.53 -0.53 10.03
N MET A 194 23.49 -0.85 9.26
CA MET A 194 22.13 -1.12 9.77
C MET A 194 21.69 0.03 10.70
N PHE A 195 21.55 1.20 10.09
CA PHE A 195 20.95 2.35 10.80
C PHE A 195 19.42 2.20 10.82
N SER A 196 18.80 2.86 11.80
CA SER A 196 17.33 2.98 11.80
C SER A 196 16.90 4.17 12.65
N LEU A 197 15.82 4.81 12.20
CA LEU A 197 15.16 5.85 13.00
C LEU A 197 13.66 5.67 12.87
N PHE A 198 13.01 5.42 13.98
CA PHE A 198 11.54 5.25 13.95
C PHE A 198 10.89 6.33 14.79
N PRO A 199 9.73 6.82 14.31
CA PRO A 199 8.82 7.59 15.13
C PRO A 199 7.93 6.63 15.90
N PRO A 200 6.99 7.14 16.72
CA PRO A 200 5.92 6.29 17.24
C PRO A 200 5.15 5.62 16.08
N THR A 201 4.73 4.38 16.27
CA THR A 201 4.07 3.59 15.22
C THR A 201 2.59 3.32 15.49
N PHE A 202 1.91 2.99 14.41
CA PHE A 202 0.50 2.58 14.51
C PHE A 202 0.40 1.43 15.50
N LYS A 203 -0.51 1.56 16.48
CA LYS A 203 -0.77 0.53 17.51
C LYS A 203 0.52 0.19 18.29
N ASN A 204 1.52 1.07 18.25
CA ASN A 204 2.81 0.92 18.98
CA ASN A 204 2.80 0.90 18.99
C ASN A 204 3.46 -0.43 18.59
N ARG A 205 3.27 -0.88 17.35
CA ARG A 205 3.90 -2.16 16.90
C ARG A 205 5.39 -1.93 16.73
N PRO A 206 6.18 -2.92 17.21
CA PRO A 206 7.56 -2.98 16.87
C PRO A 206 7.66 -3.20 15.35
N ASN A 207 8.56 -2.41 14.82
CA ASN A 207 8.88 -2.41 13.38
C ASN A 207 7.60 -2.11 12.58
N GLY A 208 6.81 -1.18 13.10
CA GLY A 208 5.47 -0.95 12.54
C GLY A 208 5.36 0.22 11.58
N LEU A 209 4.12 0.70 11.48
CA LEU A 209 3.67 1.51 10.35
C LEU A 209 3.39 2.96 10.74
N ARG A 210 3.48 3.81 9.72
CA ARG A 210 3.24 5.24 9.90
C ARG A 210 1.75 5.48 10.21
N ALA A 211 1.46 6.12 11.35
CA ALA A 211 0.08 6.13 11.87
C ALA A 211 -0.89 6.93 10.97
N ASP A 212 -0.51 8.11 10.49
CA ASP A 212 -1.47 8.91 9.71
C ASP A 212 -1.88 8.17 8.44
N ILE A 213 -0.95 7.47 7.82
CA ILE A 213 -1.29 6.69 6.61
C ILE A 213 -2.11 5.47 7.01
N ALA A 214 -1.71 4.73 8.04
CA ALA A 214 -2.44 3.52 8.45
C ALA A 214 -3.89 3.88 8.83
N GLU A 215 -4.05 5.00 9.54
CA GLU A 215 -5.40 5.44 9.96
C GLU A 215 -6.24 5.83 8.76
N THR A 216 -5.63 6.42 7.76
CA THR A 216 -6.34 6.84 6.52
C THR A 216 -6.83 5.59 5.78
N LEU A 217 -6.00 4.56 5.70
CA LEU A 217 -6.43 3.29 5.07
C LEU A 217 -7.60 2.71 5.86
N ALA A 218 -7.53 2.65 7.18
CA ALA A 218 -8.61 2.08 8.00
C ALA A 218 -9.89 2.92 7.84
N GLU A 219 -9.78 4.23 7.60
CA GLU A 219 -10.95 5.13 7.50
C GLU A 219 -11.84 4.75 6.31
N MET A 220 -11.26 4.14 5.28
N MET A 220 -11.27 4.16 5.26
CA MET A 220 -11.99 3.70 4.06
CA MET A 220 -12.06 3.80 4.05
C MET A 220 -13.02 2.62 4.40
C MET A 220 -12.89 2.52 4.31
N GLY A 221 -12.80 1.90 5.50
CA GLY A 221 -13.53 0.68 5.83
C GLY A 221 -13.24 -0.50 4.90
N PRO A 222 -11.99 -0.77 4.53
CA PRO A 222 -11.69 -1.89 3.65
C PRO A 222 -11.88 -3.25 4.32
N SER A 223 -12.22 -4.25 3.49
CA SER A 223 -12.42 -5.64 3.97
CA SER A 223 -12.41 -5.63 3.98
C SER A 223 -11.22 -6.55 3.69
N PHE A 224 -10.39 -6.18 2.72
CA PHE A 224 -9.25 -7.03 2.33
C PHE A 224 -8.11 -6.12 1.94
N PHE A 225 -6.95 -6.75 1.88
CA PHE A 225 -5.67 -6.15 1.47
C PHE A 225 -4.94 -7.09 0.54
N ARG A 226 -4.83 -6.74 -0.73
CA ARG A 226 -4.12 -7.56 -1.73
C ARG A 226 -2.64 -7.16 -1.67
N PHE A 227 -1.75 -8.14 -1.61
CA PHE A 227 -0.32 -7.84 -1.42
C PHE A 227 0.46 -9.11 -1.73
N PRO A 228 1.79 -9.05 -1.97
CA PRO A 228 2.64 -7.84 -2.02
C PRO A 228 2.78 -7.20 -3.40
N GLY A 229 2.00 -7.70 -4.36
CA GLY A 229 1.94 -7.09 -5.69
C GLY A 229 1.02 -7.92 -6.59
N GLY A 230 0.74 -7.40 -7.77
CA GLY A 230 1.35 -6.24 -8.38
C GLY A 230 2.73 -6.56 -8.98
N ASN A 231 3.23 -5.70 -9.81
CA ASN A 231 4.54 -5.89 -10.46
C ASN A 231 5.65 -6.12 -9.41
N ASN A 232 5.56 -5.54 -8.24
CA ASN A 232 6.65 -5.67 -7.25
C ASN A 232 6.81 -7.11 -6.79
N LEU A 233 5.82 -7.95 -6.96
CA LEU A 233 5.96 -9.40 -6.64
C LEU A 233 7.01 -10.03 -7.57
N GLU A 234 6.99 -9.65 -8.83
CA GLU A 234 7.51 -10.52 -9.92
C GLU A 234 9.03 -10.44 -10.04
N GLY A 235 9.66 -9.33 -9.71
CA GLY A 235 11.05 -9.10 -10.06
C GLY A 235 11.23 -8.89 -11.55
N GLN A 236 12.44 -8.46 -11.89
CA GLN A 236 12.88 -8.33 -13.29
C GLN A 236 13.40 -9.66 -13.82
N THR A 237 13.86 -10.50 -12.89
CA THR A 237 14.40 -11.83 -13.22
C THR A 237 13.99 -12.75 -12.09
N THR A 238 14.15 -14.04 -12.30
CA THR A 238 13.85 -15.01 -11.23
C THR A 238 14.54 -14.60 -9.94
N ALA A 239 15.83 -14.28 -10.05
CA ALA A 239 16.66 -14.00 -8.86
C ALA A 239 16.18 -12.80 -8.05
N THR A 240 15.48 -11.85 -8.67
CA THR A 240 15.08 -10.61 -7.96
C THR A 240 13.59 -10.58 -7.63
N ARG A 241 12.92 -11.71 -7.73
CA ARG A 241 11.51 -11.82 -7.32
C ARG A 241 11.38 -11.54 -5.83
N TRP A 242 10.17 -11.22 -5.39
CA TRP A 242 9.86 -11.16 -3.97
C TRP A 242 9.92 -12.57 -3.39
N GLN A 243 10.56 -12.71 -2.22
CA GLN A 243 10.68 -13.99 -1.51
C GLN A 243 10.27 -13.80 -0.05
N TRP A 244 9.27 -14.58 0.41
CA TRP A 244 8.72 -14.35 1.76
C TRP A 244 9.79 -14.43 2.83
N ASN A 245 10.66 -15.44 2.71
CA ASN A 245 11.55 -15.82 3.81
C ASN A 245 12.68 -14.81 3.99
N ALA A 246 12.92 -13.97 3.00
CA ALA A 246 13.89 -12.86 3.06
C ALA A 246 13.26 -11.65 3.78
N THR A 247 11.98 -11.73 4.16
CA THR A 247 11.28 -10.57 4.73
C THR A 247 10.86 -10.82 6.17
N VAL A 248 11.32 -11.91 6.78
CA VAL A 248 10.94 -12.27 8.16
C VAL A 248 12.20 -12.35 9.03
N GLY A 249 12.01 -12.17 10.32
CA GLY A 249 13.09 -12.26 11.30
C GLY A 249 13.78 -10.95 11.49
N SER A 250 14.92 -10.98 12.17
CA SER A 250 15.71 -9.79 12.51
C SER A 250 15.97 -8.96 11.26
N LEU A 251 15.98 -7.65 11.40
CA LEU A 251 16.38 -6.80 10.28
C LEU A 251 17.81 -7.10 9.85
N LEU A 252 18.66 -7.60 10.75
CA LEU A 252 20.04 -7.97 10.36
C LEU A 252 20.05 -9.06 9.30
N ASP A 253 18.96 -9.83 9.19
CA ASP A 253 18.91 -11.02 8.35
C ASP A 253 18.03 -10.80 7.12
N ARG A 254 17.67 -9.55 6.81
CA ARG A 254 16.80 -9.27 5.63
C ARG A 254 17.68 -8.58 4.58
N PRO A 255 18.02 -9.26 3.47
CA PRO A 255 18.98 -8.70 2.53
C PRO A 255 18.45 -7.52 1.71
N GLY A 256 17.13 -7.42 1.62
CA GLY A 256 16.52 -6.45 0.71
C GLY A 256 16.56 -6.94 -0.73
N ARG A 257 15.92 -6.24 -1.63
CA ARG A 257 15.91 -6.64 -3.04
C ARG A 257 15.66 -5.38 -3.87
N VAL A 258 16.11 -5.40 -5.09
CA VAL A 258 15.76 -4.38 -6.07
C VAL A 258 14.31 -4.67 -6.49
N GLY A 259 13.45 -3.70 -6.24
CA GLY A 259 12.05 -3.82 -6.61
C GLY A 259 11.82 -3.46 -8.05
N ASP A 260 10.55 -3.37 -8.42
CA ASP A 260 10.17 -3.24 -9.84
C ASP A 260 9.81 -1.80 -10.22
N TRP A 261 10.17 -0.80 -9.38
CA TRP A 261 9.79 0.62 -9.59
C TRP A 261 11.00 1.53 -9.46
N GLY A 262 12.20 1.00 -9.65
CA GLY A 262 13.45 1.75 -9.77
C GLY A 262 14.18 1.93 -8.46
N TYR A 263 13.71 1.38 -7.36
CA TYR A 263 14.40 1.55 -6.05
C TYR A 263 14.52 0.23 -5.30
N VAL A 264 15.53 0.23 -4.41
CA VAL A 264 15.74 -0.90 -3.49
C VAL A 264 14.61 -0.93 -2.48
N ASN A 265 14.12 -2.11 -2.16
CA ASN A 265 13.24 -2.39 -1.03
C ASN A 265 14.06 -2.94 0.14
N THR A 266 13.89 -2.41 1.32
CA THR A 266 14.54 -2.93 2.51
C THR A 266 14.01 -4.29 2.90
N ASP A 267 12.75 -4.58 2.57
CA ASP A 267 11.96 -5.69 3.11
C ASP A 267 11.75 -5.55 4.61
N GLY A 268 11.90 -4.35 5.17
CA GLY A 268 11.48 -4.10 6.55
C GLY A 268 9.98 -4.20 6.71
N LEU A 269 9.24 -3.87 5.65
CA LEU A 269 7.79 -4.18 5.59
C LEU A 269 7.73 -5.59 5.01
N GLY A 270 7.70 -6.55 5.89
CA GLY A 270 7.76 -7.96 5.51
C GLY A 270 6.50 -8.69 5.87
N LEU A 271 6.52 -9.99 5.67
CA LEU A 271 5.26 -10.78 5.72
C LEU A 271 4.62 -10.62 7.08
N LEU A 272 5.37 -10.68 8.19
CA LEU A 272 4.72 -10.61 9.51
C LEU A 272 4.16 -9.21 9.76
N GLU A 273 4.85 -8.16 9.32
CA GLU A 273 4.33 -6.79 9.52
C GLU A 273 3.02 -6.63 8.73
N TYR A 274 2.94 -7.13 7.52
CA TYR A 274 1.66 -7.12 6.76
C TYR A 274 0.58 -7.79 7.59
N LEU A 275 0.83 -9.03 8.03
CA LEU A 275 -0.19 -9.83 8.69
C LEU A 275 -0.64 -9.14 9.96
N GLN A 276 0.28 -8.58 10.73
CA GLN A 276 -0.11 -7.88 11.96
CA GLN A 276 -0.03 -7.83 11.96
C GLN A 276 -0.98 -6.66 11.62
N PHE A 277 -0.71 -5.97 10.53
CA PHE A 277 -1.56 -4.82 10.14
C PHE A 277 -2.99 -5.28 9.84
N PHE A 278 -3.12 -6.42 9.21
CA PHE A 278 -4.46 -6.99 8.91
C PHE A 278 -5.17 -7.28 10.23
N GLU A 279 -4.50 -7.91 11.20
CA GLU A 279 -5.12 -8.19 12.49
C GLU A 279 -5.55 -6.86 13.14
N ASP A 280 -4.71 -5.84 13.04
CA ASP A 280 -4.93 -4.55 13.74
C ASP A 280 -6.10 -3.80 13.12
N THR A 281 -6.45 -4.06 11.87
CA THR A 281 -7.48 -3.30 11.11
C THR A 281 -8.74 -4.14 10.79
N GLY A 282 -8.72 -5.44 11.02
CA GLY A 282 -9.85 -6.27 10.62
C GLY A 282 -9.88 -6.62 9.15
N MET A 283 -8.84 -6.35 8.39
CA MET A 283 -8.78 -6.74 6.97
C MET A 283 -8.38 -8.20 6.88
N GLU A 284 -8.81 -8.85 5.83
CA GLU A 284 -8.26 -10.19 5.48
C GLU A 284 -7.36 -10.05 4.26
N PRO A 285 -6.33 -10.91 4.18
CA PRO A 285 -5.44 -10.87 3.04
C PRO A 285 -6.00 -11.47 1.76
N ILE A 286 -5.59 -10.90 0.64
CA ILE A 286 -5.57 -11.62 -0.65
C ILE A 286 -4.07 -11.66 -0.98
N MET A 287 -3.47 -12.82 -0.73
CA MET A 287 -1.99 -12.88 -0.78
C MET A 287 -1.54 -13.49 -2.10
N ALA A 288 -0.62 -12.83 -2.78
CA ALA A 288 -0.04 -13.37 -4.03
C ALA A 288 1.14 -14.26 -3.73
N VAL A 289 1.32 -15.25 -4.59
CA VAL A 289 2.55 -16.07 -4.65
C VAL A 289 3.16 -15.92 -6.04
N TRP A 290 4.49 -15.94 -6.04
CA TRP A 290 5.23 -15.87 -7.31
C TRP A 290 5.01 -17.16 -8.09
N ALA A 291 4.88 -17.06 -9.40
CA ALA A 291 4.34 -18.16 -10.21
C ALA A 291 5.19 -18.52 -11.42
N GLY A 292 6.50 -18.20 -11.39
CA GLY A 292 7.38 -18.66 -12.46
C GLY A 292 7.60 -17.69 -13.59
N TYR A 293 7.13 -16.46 -13.48
CA TYR A 293 7.34 -15.41 -14.50
C TYR A 293 7.92 -14.17 -13.83
N SER A 294 8.83 -13.50 -14.55
CA SER A 294 9.34 -12.19 -14.10
C SER A 294 9.30 -11.21 -15.25
N LEU A 295 9.44 -9.93 -14.90
CA LEU A 295 9.05 -8.85 -15.83
C LEU A 295 10.00 -8.66 -16.99
N GLY A 296 11.22 -9.20 -16.91
CA GLY A 296 12.12 -9.20 -18.06
C GLY A 296 11.68 -10.16 -19.15
N GLY A 297 10.60 -10.95 -18.92
CA GLY A 297 10.09 -11.79 -20.01
C GLY A 297 10.31 -13.29 -19.86
N THR A 298 11.10 -13.71 -18.88
CA THR A 298 11.44 -15.13 -18.77
C THR A 298 10.39 -15.89 -17.94
N SER A 299 9.83 -16.93 -18.54
CA SER A 299 9.04 -17.95 -17.84
C SER A 299 9.97 -19.12 -17.51
N LEU A 300 9.94 -19.59 -16.29
CA LEU A 300 10.62 -20.85 -15.97
C LEU A 300 9.99 -21.95 -16.81
N ALA A 301 10.83 -22.88 -17.22
CA ALA A 301 10.39 -24.09 -17.90
C ALA A 301 9.61 -24.98 -16.92
N GLU A 302 8.73 -25.79 -17.48
CA GLU A 302 7.88 -26.62 -16.63
C GLU A 302 8.70 -27.50 -15.68
N ASN A 303 9.84 -27.99 -16.14
CA ASN A 303 10.66 -28.90 -15.31
C ASN A 303 11.55 -28.16 -14.31
N GLN A 304 11.36 -26.85 -14.18
CA GLN A 304 12.11 -26.02 -13.21
C GLN A 304 11.21 -25.54 -12.06
N LEU A 305 9.91 -25.84 -12.08
CA LEU A 305 9.00 -25.15 -11.13
C LEU A 305 9.03 -25.70 -9.72
N ALA A 306 9.42 -26.96 -9.51
CA ALA A 306 9.16 -27.62 -8.20
C ALA A 306 9.65 -26.82 -6.99
N PRO A 307 10.89 -26.28 -6.98
CA PRO A 307 11.36 -25.55 -5.79
C PRO A 307 10.56 -24.27 -5.50
N TYR A 308 10.05 -23.66 -6.56
CA TYR A 308 9.25 -22.41 -6.46
C TYR A 308 7.84 -22.73 -5.98
N ILE A 309 7.32 -23.88 -6.37
CA ILE A 309 6.03 -24.35 -5.82
C ILE A 309 6.21 -24.61 -4.33
N GLN A 310 7.29 -25.30 -3.96
CA GLN A 310 7.53 -25.53 -2.53
C GLN A 310 7.61 -24.19 -1.78
N GLN A 311 8.35 -23.21 -2.34
CA GLN A 311 8.46 -21.90 -1.66
C GLN A 311 7.08 -21.27 -1.43
N ALA A 312 6.15 -21.42 -2.38
CA ALA A 312 4.78 -20.89 -2.22
C ALA A 312 4.05 -21.64 -1.10
N ILE A 313 4.23 -22.98 -1.03
CA ILE A 313 3.69 -23.75 0.09
C ILE A 313 4.25 -23.23 1.43
N ASP A 314 5.56 -23.00 1.47
CA ASP A 314 6.21 -22.50 2.71
C ASP A 314 5.57 -21.16 3.10
N GLN A 315 5.42 -20.24 2.13
CA GLN A 315 4.84 -18.91 2.37
C GLN A 315 3.48 -19.07 3.04
N ILE A 316 2.63 -19.93 2.48
CA ILE A 316 1.27 -20.09 3.01
C ILE A 316 1.37 -20.70 4.41
N ASN A 317 2.21 -21.71 4.57
CA ASN A 317 2.40 -22.32 5.91
C ASN A 317 2.83 -21.30 6.96
N PHE A 318 3.66 -20.31 6.59
CA PHE A 318 3.99 -19.27 7.57
C PHE A 318 2.71 -18.59 8.06
N VAL A 319 1.76 -18.34 7.16
CA VAL A 319 0.56 -17.56 7.54
C VAL A 319 -0.39 -18.44 8.35
N ILE A 320 -0.64 -19.69 7.93
CA ILE A 320 -1.78 -20.48 8.45
C ILE A 320 -1.42 -21.84 9.06
N GLY A 321 -0.19 -22.30 8.90
CA GLY A 321 0.14 -23.68 9.28
C GLY A 321 0.22 -23.87 10.79
N ASP A 322 0.00 -25.11 11.21
CA ASP A 322 0.20 -25.57 12.60
C ASP A 322 1.69 -25.52 12.89
N PRO A 323 2.16 -24.80 13.92
CA PRO A 323 3.60 -24.71 14.20
C PRO A 323 4.30 -26.06 14.39
N ALA A 324 3.58 -27.07 14.82
CA ALA A 324 4.17 -28.41 15.06
C ALA A 324 4.43 -29.13 13.74
N LYS A 325 3.92 -28.65 12.60
CA LYS A 325 3.89 -29.44 11.34
C LYS A 325 4.79 -28.89 10.23
N SER A 326 5.32 -27.67 10.36
CA SER A 326 6.24 -27.14 9.33
C SER A 326 7.19 -26.13 9.96
N ALA A 327 8.35 -26.00 9.31
CA ALA A 327 9.35 -25.02 9.75
C ALA A 327 8.80 -23.59 9.59
N PRO A 328 8.09 -23.20 8.49
CA PRO A 328 7.60 -21.82 8.42
C PRO A 328 6.60 -21.52 9.52
N ALA A 329 5.69 -22.44 9.81
CA ALA A 329 4.70 -22.22 10.88
C ALA A 329 5.40 -22.13 12.25
N ALA A 330 6.41 -22.97 12.48
CA ALA A 330 7.22 -22.88 13.71
C ALA A 330 7.89 -21.51 13.82
N LEU A 331 8.31 -20.95 12.69
CA LEU A 331 8.96 -19.62 12.64
C LEU A 331 7.95 -18.52 13.00
N ARG A 332 6.73 -18.62 12.49
CA ARG A 332 5.69 -17.64 12.90
C ARG A 332 5.51 -17.70 14.43
N ALA A 333 5.45 -18.90 15.00
CA ALA A 333 5.31 -19.04 16.45
C ALA A 333 6.53 -18.48 17.19
N SER A 334 7.74 -18.74 16.68
CA SER A 334 8.98 -18.23 17.35
C SER A 334 9.03 -16.70 17.30
N LEU A 335 8.39 -16.07 16.30
CA LEU A 335 8.36 -14.59 16.17
C LEU A 335 7.21 -13.99 16.96
N GLY A 336 6.50 -14.80 17.75
CA GLY A 336 5.55 -14.30 18.75
C GLY A 336 4.09 -14.46 18.36
N HIS A 337 3.77 -15.17 17.29
CA HIS A 337 2.36 -15.27 16.79
C HIS A 337 2.02 -16.73 16.51
N PRO A 338 1.92 -17.55 17.57
CA PRO A 338 1.63 -18.96 17.35
C PRO A 338 0.26 -19.25 16.72
N GLU A 339 -0.74 -18.40 16.97
CA GLU A 339 -2.06 -18.62 16.35
C GLU A 339 -1.89 -18.38 14.84
N PRO A 340 -2.59 -19.15 13.99
CA PRO A 340 -2.61 -18.86 12.57
C PRO A 340 -3.36 -17.55 12.29
N PHE A 341 -2.97 -16.90 11.21
CA PHE A 341 -3.71 -15.75 10.65
C PHE A 341 -4.79 -16.31 9.71
N THR A 342 -5.78 -15.49 9.42
CA THR A 342 -6.82 -15.79 8.43
C THR A 342 -6.25 -15.68 7.02
N LEU A 343 -6.52 -16.65 6.15
CA LEU A 343 -6.17 -16.55 4.72
C LEU A 343 -7.13 -17.43 3.95
N ARG A 344 -7.96 -16.79 3.14
CA ARG A 344 -8.99 -17.47 2.32
C ARG A 344 -8.67 -17.44 0.85
N PHE A 345 -7.79 -16.56 0.40
CA PHE A 345 -7.59 -16.23 -1.02
C PHE A 345 -6.09 -16.07 -1.31
N VAL A 346 -5.64 -16.81 -2.32
CA VAL A 346 -4.26 -16.70 -2.82
C VAL A 346 -4.31 -16.44 -4.31
N GLU A 347 -3.52 -15.46 -4.75
CA GLU A 347 -3.42 -15.13 -6.18
C GLU A 347 -2.17 -15.77 -6.76
N VAL A 348 -2.30 -16.40 -7.89
CA VAL A 348 -1.19 -17.15 -8.51
C VAL A 348 -0.51 -16.29 -9.56
N GLY A 349 0.54 -15.60 -9.12
CA GLY A 349 1.23 -14.68 -10.01
C GLY A 349 0.65 -13.28 -10.01
N ASN A 350 1.05 -12.51 -11.00
CA ASN A 350 0.53 -11.17 -11.26
C ASN A 350 0.52 -10.94 -12.75
N GLU A 351 -0.66 -10.54 -13.27
CA GLU A 351 -0.77 -10.11 -14.66
C GLU A 351 -0.11 -11.12 -15.61
N ASP A 352 -0.49 -12.39 -15.43
CA ASP A 352 0.06 -13.43 -16.32
C ASP A 352 -0.58 -13.42 -17.71
N PHE A 353 -1.51 -12.48 -17.94
CA PHE A 353 -1.92 -12.23 -19.34
C PHE A 353 -0.75 -11.72 -20.20
N PHE A 354 0.33 -11.23 -19.58
CA PHE A 354 1.56 -10.87 -20.34
C PHE A 354 2.39 -12.11 -20.71
N ALA A 355 2.11 -13.25 -20.10
CA ALA A 355 2.86 -14.51 -20.28
C ALA A 355 1.86 -15.64 -20.36
N ALA A 356 0.90 -15.49 -21.26
CA ALA A 356 -0.22 -16.42 -21.33
C ALA A 356 0.15 -17.70 -22.09
N GLY A 357 1.27 -17.70 -22.80
CA GLY A 357 1.77 -18.95 -23.41
C GLY A 357 2.19 -19.95 -22.36
N SER A 358 2.82 -19.49 -21.27
CA SER A 358 3.32 -20.41 -20.24
C SER A 358 2.36 -20.55 -19.05
N TYR A 359 1.45 -19.57 -18.85
CA TYR A 359 0.60 -19.64 -17.65
C TYR A 359 -0.18 -20.94 -17.57
N PRO A 360 -0.67 -21.55 -18.67
CA PRO A 360 -1.41 -22.80 -18.46
C PRO A 360 -0.64 -23.87 -17.66
N TYR A 361 0.63 -24.08 -17.99
CA TYR A 361 1.36 -25.11 -17.22
C TYR A 361 1.80 -24.59 -15.85
N ARG A 362 2.06 -23.28 -15.74
CA ARG A 362 2.44 -22.73 -14.42
C ARG A 362 1.25 -22.78 -13.45
N TRP A 363 0.09 -22.28 -13.91
CA TRP A 363 -1.17 -22.41 -13.17
C TRP A 363 -1.45 -23.88 -12.82
N HIS A 364 -1.37 -24.74 -13.83
CA HIS A 364 -1.74 -26.14 -13.57
C HIS A 364 -0.84 -26.70 -12.45
N ASP A 365 0.46 -26.48 -12.57
CA ASP A 365 1.39 -27.18 -11.66
C ASP A 365 1.33 -26.53 -10.27
N PHE A 366 1.27 -25.20 -10.21
CA PHE A 366 1.15 -24.51 -8.90
C PHE A 366 -0.16 -24.92 -8.21
N VAL A 367 -1.29 -24.76 -8.92
CA VAL A 367 -2.59 -24.94 -8.24
C VAL A 367 -2.83 -26.41 -7.93
N THR A 368 -2.41 -27.33 -8.79
CA THR A 368 -2.54 -28.75 -8.43
C THR A 368 -1.88 -29.01 -7.07
N ALA A 369 -0.65 -28.56 -6.90
CA ALA A 369 0.08 -28.77 -5.64
C ALA A 369 -0.53 -27.98 -4.47
N LEU A 370 -0.82 -26.70 -4.70
CA LEU A 370 -1.28 -25.84 -3.59
C LEU A 370 -2.69 -26.21 -3.13
N GLN A 371 -3.56 -26.58 -4.06
CA GLN A 371 -4.94 -26.95 -3.67
C GLN A 371 -4.90 -28.26 -2.88
N ALA A 372 -4.01 -29.16 -3.22
CA ALA A 372 -3.87 -30.41 -2.46
C ALA A 372 -3.42 -30.13 -1.04
N GLN A 373 -2.48 -29.20 -0.86
CA GLN A 373 -1.98 -28.87 0.49
C GLN A 373 -3.04 -28.08 1.25
N PHE A 374 -3.77 -27.21 0.55
CA PHE A 374 -4.68 -26.21 1.15
C PHE A 374 -6.05 -26.28 0.48
N PRO A 375 -6.86 -27.29 0.82
CA PRO A 375 -8.15 -27.49 0.16
C PRO A 375 -9.11 -26.31 0.36
N GLN A 376 -8.92 -25.59 1.45
CA GLN A 376 -9.86 -24.51 1.83
C GLN A 376 -9.57 -23.19 1.10
N ILE A 377 -8.38 -23.02 0.55
CA ILE A 377 -8.04 -21.72 -0.08
C ILE A 377 -8.65 -21.63 -1.48
N ARG A 378 -9.10 -20.42 -1.84
CA ARG A 378 -9.59 -20.13 -3.20
C ARG A 378 -8.44 -19.49 -3.98
N PHE A 379 -8.02 -20.15 -5.06
CA PHE A 379 -6.88 -19.67 -5.86
C PHE A 379 -7.39 -18.83 -7.03
N ILE A 380 -6.74 -17.70 -7.22
CA ILE A 380 -7.16 -16.68 -8.18
C ILE A 380 -6.20 -16.68 -9.37
N ALA A 381 -6.71 -16.87 -10.58
CA ALA A 381 -5.95 -16.83 -11.85
C ALA A 381 -5.83 -15.41 -12.39
N THR A 382 -4.71 -15.12 -13.05
CA THR A 382 -4.36 -13.76 -13.46
C THR A 382 -4.29 -13.52 -14.97
N THR A 383 -4.43 -14.53 -15.80
CA THR A 383 -4.64 -14.33 -17.25
C THR A 383 -6.02 -13.70 -17.47
N ASN A 384 -6.20 -13.22 -18.69
CA ASN A 384 -7.55 -12.75 -19.08
C ASN A 384 -8.54 -13.89 -18.89
N ALA A 385 -9.75 -13.61 -18.43
CA ALA A 385 -10.70 -14.67 -18.09
C ALA A 385 -10.99 -15.52 -19.32
N TRP A 386 -10.79 -16.82 -19.17
CA TRP A 386 -11.19 -17.86 -20.13
C TRP A 386 -10.35 -17.88 -21.40
N ASN A 387 -9.30 -17.08 -21.48
CA ASN A 387 -8.45 -17.09 -22.68
C ASN A 387 -7.03 -16.77 -22.29
N PRO A 388 -6.19 -17.79 -22.11
CA PRO A 388 -6.39 -19.20 -22.48
C PRO A 388 -7.21 -19.99 -21.47
N VAL A 389 -7.69 -21.14 -21.90
CA VAL A 389 -8.42 -22.06 -21.01
C VAL A 389 -7.41 -22.72 -20.04
N LEU A 390 -7.72 -22.67 -18.77
CA LEU A 390 -6.88 -23.18 -17.69
C LEU A 390 -7.45 -24.47 -17.11
N SER A 391 -6.56 -25.31 -16.61
CA SER A 391 -6.85 -26.54 -15.87
CA SER A 391 -6.87 -26.53 -15.85
C SER A 391 -5.96 -26.57 -14.64
N PRO A 392 -6.47 -26.71 -13.41
CA PRO A 392 -7.91 -26.84 -13.11
C PRO A 392 -8.68 -25.55 -13.41
N VAL A 393 -9.99 -25.72 -13.53
CA VAL A 393 -10.87 -24.57 -13.82
C VAL A 393 -10.74 -23.57 -12.70
N PRO A 394 -10.40 -22.30 -12.99
CA PRO A 394 -10.27 -21.33 -11.92
C PRO A 394 -11.61 -21.04 -11.21
N GLN A 395 -11.57 -20.99 -9.90
CA GLN A 395 -12.74 -20.56 -9.13
C GLN A 395 -12.82 -19.04 -9.14
N SER A 396 -11.72 -18.34 -9.42
CA SER A 396 -11.72 -16.88 -9.46
C SER A 396 -10.71 -16.38 -10.47
N TYR A 397 -10.98 -15.19 -11.03
CA TYR A 397 -10.05 -14.45 -11.88
C TYR A 397 -9.89 -13.05 -11.33
N ASP A 398 -8.67 -12.53 -11.46
CA ASP A 398 -8.38 -11.12 -11.16
C ASP A 398 -8.35 -10.35 -12.48
N VAL A 399 -9.22 -9.34 -12.55
CA VAL A 399 -9.40 -8.48 -13.73
C VAL A 399 -8.90 -7.09 -13.43
N HIS A 400 -8.02 -6.58 -14.29
CA HIS A 400 -7.46 -5.22 -14.12
C HIS A 400 -7.88 -4.34 -15.27
N VAL A 401 -8.17 -3.07 -14.97
CA VAL A 401 -8.40 -2.09 -16.04
C VAL A 401 -7.98 -0.69 -15.63
N TYR A 402 -7.15 -0.08 -16.47
CA TYR A 402 -6.81 1.35 -16.41
C TYR A 402 -7.33 1.99 -17.68
N GLN A 403 -8.14 3.05 -17.51
CA GLN A 403 -8.88 3.57 -18.68
C GLN A 403 -9.23 5.03 -18.37
N THR A 404 -10.02 5.62 -19.27
CA THR A 404 -10.47 6.99 -19.13
C THR A 404 -11.68 7.02 -18.22
N PRO A 405 -11.99 8.20 -17.62
CA PRO A 405 -13.23 8.33 -16.86
C PRO A 405 -14.48 7.92 -17.67
N THR A 406 -14.50 8.32 -18.94
CA THR A 406 -15.63 8.00 -19.82
C THR A 406 -15.76 6.50 -20.03
N TRP A 407 -14.67 5.77 -20.23
CA TRP A 407 -14.72 4.31 -20.35
C TRP A 407 -15.43 3.71 -19.13
N PHE A 408 -15.13 4.21 -17.94
CA PHE A 408 -15.69 3.61 -16.73
C PHE A 408 -17.21 3.72 -16.73
N TYR A 409 -17.79 4.90 -17.04
CA TYR A 409 -19.28 4.93 -17.00
C TYR A 409 -19.86 4.18 -18.19
N GLN A 410 -19.14 4.14 -19.31
CA GLN A 410 -19.63 3.42 -20.50
C GLN A 410 -19.57 1.91 -20.30
N ASN A 411 -18.80 1.40 -19.34
CA ASN A 411 -18.57 -0.03 -19.13
C ASN A 411 -19.10 -0.52 -17.79
N ALA A 412 -20.05 0.17 -17.20
CA ALA A 412 -20.68 -0.22 -15.92
C ALA A 412 -21.46 -1.55 -16.05
N PHE A 413 -21.77 -2.02 -17.27
CA PHE A 413 -22.45 -3.30 -17.49
C PHE A 413 -21.45 -4.40 -17.86
N TYR A 414 -20.18 -4.18 -17.52
CA TYR A 414 -19.12 -5.18 -17.85
C TYR A 414 -19.49 -6.59 -17.39
N TYR A 415 -20.02 -6.76 -16.18
CA TYR A 415 -20.27 -8.12 -15.65
C TYR A 415 -21.69 -8.62 -15.87
N ASP A 416 -22.59 -7.77 -16.40
CA ASP A 416 -24.03 -8.18 -16.46
C ASP A 416 -24.22 -9.38 -17.38
N GLY A 417 -23.48 -9.47 -18.48
CA GLY A 417 -23.62 -10.55 -19.46
C GLY A 417 -22.90 -11.84 -19.10
N PHE A 418 -22.08 -11.82 -18.08
CA PHE A 418 -21.30 -13.03 -17.75
C PHE A 418 -22.25 -14.13 -17.27
N GLN A 419 -21.95 -15.36 -17.68
CA GLN A 419 -22.64 -16.51 -17.11
C GLN A 419 -22.34 -16.61 -15.62
N ARG A 420 -23.30 -17.11 -14.85
CA ARG A 420 -23.18 -17.45 -13.43
C ARG A 420 -22.88 -18.95 -13.40
N ASN A 421 -21.63 -19.27 -13.24
CA ASN A 421 -21.17 -20.67 -13.41
C ASN A 421 -20.10 -21.00 -12.35
N GLY A 422 -20.14 -20.42 -11.18
CA GLY A 422 -19.31 -20.80 -10.03
C GLY A 422 -17.95 -20.12 -10.00
N THR A 423 -17.67 -19.29 -10.97
CA THR A 423 -16.42 -18.51 -10.99
C THR A 423 -16.77 -17.12 -10.46
N THR A 424 -15.93 -16.59 -9.56
CA THR A 424 -16.07 -15.23 -9.06
C THR A 424 -14.90 -14.35 -9.57
N TYR A 425 -15.09 -13.03 -9.51
CA TYR A 425 -14.21 -12.07 -10.15
C TYR A 425 -13.79 -11.04 -9.13
N PHE A 426 -12.47 -10.79 -9.15
CA PHE A 426 -11.79 -9.79 -8.32
C PHE A 426 -11.33 -8.69 -9.26
N GLU A 427 -11.84 -7.48 -9.06
CA GLU A 427 -11.38 -6.33 -9.88
C GLU A 427 -10.17 -5.78 -9.10
N GLY A 428 -9.03 -6.45 -9.22
CA GLY A 428 -7.92 -6.25 -8.26
C GLY A 428 -7.14 -4.98 -8.50
N GLU A 429 -7.23 -4.40 -9.69
CA GLU A 429 -6.68 -3.06 -9.96
C GLU A 429 -7.64 -2.39 -10.93
N TYR A 430 -8.06 -1.18 -10.58
CA TYR A 430 -8.74 -0.32 -11.57
C TYR A 430 -8.52 1.13 -11.17
N ALA A 431 -8.52 2.01 -12.18
CA ALA A 431 -8.52 3.45 -11.98
C ALA A 431 -8.75 4.11 -13.32
N ALA A 432 -9.37 5.28 -13.25
CA ALA A 432 -9.45 6.20 -14.39
C ALA A 432 -8.20 7.08 -14.33
N ILE A 433 -7.31 6.89 -15.30
CA ILE A 433 -5.92 7.38 -15.19
C ILE A 433 -5.64 8.60 -16.08
N SER A 434 -6.42 8.80 -17.12
CA SER A 434 -6.09 9.77 -18.17
C SER A 434 -7.38 10.15 -18.87
N THR A 435 -7.41 11.39 -19.37
CA THR A 435 -8.53 11.80 -20.26
C THR A 435 -8.18 11.56 -21.73
N ASN A 436 -7.04 11.01 -22.04
CA ASN A 436 -6.57 10.76 -23.42
C ASN A 436 -6.71 9.30 -23.79
N ALA A 437 -7.79 8.94 -24.48
CA ALA A 437 -8.02 7.58 -24.96
C ALA A 437 -6.89 7.09 -25.85
N ASN A 438 -6.12 7.95 -26.48
CA ASN A 438 -5.09 7.55 -27.47
C ASN A 438 -3.73 7.37 -26.80
N ASP A 439 -3.62 7.61 -25.50
CA ASP A 439 -2.33 7.42 -24.79
C ASP A 439 -2.58 7.39 -23.29
N LEU A 440 -3.08 6.25 -22.79
CA LEU A 440 -3.55 6.20 -21.40
C LEU A 440 -2.38 6.35 -20.43
N PHE A 441 -1.24 5.80 -20.80
CA PHE A 441 -0.09 5.68 -19.86
C PHE A 441 0.94 6.76 -20.15
N GLY A 442 0.50 7.92 -20.60
CA GLY A 442 1.34 9.02 -21.03
C GLY A 442 1.63 10.02 -19.91
N THR A 443 2.03 11.19 -20.36
CA THR A 443 2.42 12.29 -19.47
C THR A 443 1.22 13.13 -19.08
N VAL A 444 1.39 13.90 -18.01
CA VAL A 444 0.34 14.84 -17.56
C VAL A 444 0.02 15.84 -18.65
N ALA A 445 1.02 16.28 -19.38
CA ALA A 445 0.81 17.20 -20.51
C ALA A 445 -0.13 16.59 -21.56
N ASP A 446 -0.11 15.28 -21.71
CA ASP A 446 -0.90 14.59 -22.76
C ASP A 446 -2.16 13.96 -22.15
N GLY A 447 -2.55 14.34 -20.94
CA GLY A 447 -3.87 14.00 -20.39
C GLY A 447 -3.84 13.07 -19.17
N ARG A 448 -2.69 12.54 -18.81
CA ARG A 448 -2.56 11.67 -17.61
C ARG A 448 -2.95 12.50 -16.37
N LEU A 449 -3.70 11.89 -15.46
CA LEU A 449 -4.09 12.62 -14.26
C LEU A 449 -2.93 12.60 -13.27
N ALA A 450 -2.56 13.76 -12.77
CA ALA A 450 -1.57 13.90 -11.67
C ALA A 450 -2.14 13.41 -10.36
N PHE A 451 -3.42 13.66 -10.15
CA PHE A 451 -4.20 13.27 -8.97
C PHE A 451 -5.60 12.91 -9.47
N PRO A 452 -6.33 12.08 -8.74
CA PRO A 452 -7.72 11.81 -9.12
C PRO A 452 -8.48 13.15 -9.19
N THR A 453 -9.50 13.18 -10.06
CA THR A 453 -10.34 14.36 -10.20
C THR A 453 -11.78 14.00 -9.85
N VAL A 454 -12.62 15.03 -9.80
CA VAL A 454 -14.07 14.75 -9.65
C VAL A 454 -14.52 13.87 -10.84
N GLN A 455 -14.10 14.21 -12.04
CA GLN A 455 -14.43 13.44 -13.27
C GLN A 455 -14.04 11.96 -13.13
N SER A 456 -12.81 11.73 -12.64
CA SER A 456 -12.33 10.36 -12.57
C SER A 456 -13.07 9.59 -11.49
N ALA A 457 -13.28 10.19 -10.34
CA ALA A 457 -13.91 9.49 -9.21
C ALA A 457 -15.37 9.19 -9.57
N THR A 458 -16.05 10.08 -10.31
CA THR A 458 -17.46 9.86 -10.64
C THR A 458 -17.57 8.76 -11.71
N GLY A 459 -16.67 8.74 -12.67
CA GLY A 459 -16.66 7.63 -13.63
C GLY A 459 -16.44 6.29 -12.94
N GLU A 460 -15.43 6.25 -12.07
CA GLU A 460 -15.15 5.04 -11.27
C GLU A 460 -16.41 4.65 -10.48
N ALA A 461 -17.05 5.62 -9.84
CA ALA A 461 -18.25 5.30 -9.03
C ALA A 461 -19.33 4.67 -9.91
N ALA A 462 -19.54 5.18 -11.12
CA ALA A 462 -20.50 4.57 -12.04
C ALA A 462 -20.16 3.10 -12.29
N PHE A 463 -18.90 2.83 -12.60
CA PHE A 463 -18.45 1.44 -12.79
C PHE A 463 -18.67 0.61 -11.53
N MET A 464 -18.41 1.22 -10.36
CA MET A 464 -18.57 0.53 -9.09
C MET A 464 -20.03 0.13 -8.84
N THR A 465 -21.00 0.95 -9.27
CA THR A 465 -22.40 0.51 -9.15
C THR A 465 -22.61 -0.81 -9.90
N GLY A 466 -21.96 -0.99 -11.04
CA GLY A 466 -22.02 -2.26 -11.76
C GLY A 466 -21.37 -3.40 -10.99
N LEU A 467 -20.24 -3.12 -10.36
CA LEU A 467 -19.59 -4.14 -9.52
C LEU A 467 -20.54 -4.58 -8.41
N GLU A 468 -21.22 -3.62 -7.78
CA GLU A 468 -22.15 -3.95 -6.70
C GLU A 468 -23.39 -4.70 -7.21
N ARG A 469 -23.96 -4.27 -8.33
CA ARG A 469 -25.10 -4.99 -8.93
C ARG A 469 -24.71 -6.44 -9.23
N ASN A 470 -23.50 -6.62 -9.75
CA ASN A 470 -23.01 -7.95 -10.18
C ASN A 470 -22.23 -8.62 -9.05
N SER A 471 -22.43 -8.27 -7.80
CA SER A 471 -21.67 -8.82 -6.67
C SER A 471 -22.13 -10.23 -6.32
N ASP A 472 -23.07 -10.82 -7.05
CA ASP A 472 -23.23 -12.28 -6.98
C ASP A 472 -22.00 -12.99 -7.55
N ILE A 473 -21.33 -12.38 -8.54
CA ILE A 473 -20.08 -12.95 -9.10
C ILE A 473 -18.85 -12.09 -8.82
N VAL A 474 -19.01 -10.79 -8.62
CA VAL A 474 -17.84 -9.95 -8.28
C VAL A 474 -17.74 -10.04 -6.76
N PHE A 475 -16.60 -10.54 -6.26
CA PHE A 475 -16.46 -10.69 -4.79
C PHE A 475 -15.55 -9.66 -4.14
N ALA A 476 -14.83 -8.89 -4.93
CA ALA A 476 -13.79 -8.01 -4.38
C ALA A 476 -13.38 -7.00 -5.44
N ALA A 477 -13.00 -5.78 -5.01
CA ALA A 477 -12.58 -4.75 -5.95
C ALA A 477 -11.67 -3.77 -5.21
N SER A 478 -10.59 -3.36 -5.87
CA SER A 478 -9.63 -2.41 -5.29
C SER A 478 -9.05 -1.48 -6.35
N TYR A 479 -9.07 -0.17 -6.03
CA TYR A 479 -8.38 0.84 -6.83
C TYR A 479 -6.87 0.58 -6.79
N ALA A 480 -6.15 1.03 -7.80
CA ALA A 480 -4.69 0.99 -7.73
C ALA A 480 -4.10 2.13 -8.52
N PRO A 481 -2.88 2.59 -8.12
CA PRO A 481 -2.28 2.30 -6.83
C PRO A 481 -2.94 2.96 -5.63
N LEU A 482 -2.66 2.43 -4.45
CA LEU A 482 -3.22 2.93 -3.19
C LEU A 482 -2.52 4.19 -2.75
N LEU A 483 -1.19 4.24 -2.82
CA LEU A 483 -0.37 5.23 -2.09
C LEU A 483 0.65 5.91 -3.01
N GLN A 484 0.95 7.16 -2.67
CA GLN A 484 1.94 7.92 -3.43
C GLN A 484 2.69 8.87 -2.53
N HIS A 485 4.02 8.75 -2.54
CA HIS A 485 4.92 9.78 -1.98
C HIS A 485 5.04 10.86 -3.06
N VAL A 486 4.55 12.05 -2.81
CA VAL A 486 4.54 13.11 -3.86
C VAL A 486 5.96 13.54 -4.24
N ASN A 487 6.99 13.19 -3.48
CA ASN A 487 8.37 13.54 -3.87
C ASN A 487 9.04 12.41 -4.61
N SER A 488 8.41 11.26 -4.79
CA SER A 488 9.03 10.16 -5.53
C SER A 488 7.94 9.27 -6.11
N THR A 489 7.47 9.66 -7.27
CA THR A 489 6.31 9.08 -7.93
C THR A 489 6.74 8.40 -9.23
N GLN A 490 6.30 7.15 -9.41
CA GLN A 490 6.45 6.40 -10.66
C GLN A 490 5.12 6.18 -11.39
N TRP A 491 3.99 6.45 -10.73
CA TRP A 491 2.65 6.24 -11.33
C TRP A 491 1.67 7.21 -10.69
N THR A 492 0.84 7.80 -11.53
CA THR A 492 -0.32 8.61 -11.09
C THR A 492 -1.50 8.17 -11.94
N PRO A 493 -2.76 8.42 -11.52
CA PRO A 493 -3.10 8.94 -10.21
C PRO A 493 -3.12 7.84 -9.14
N ASP A 494 -3.12 8.28 -7.89
CA ASP A 494 -3.08 7.36 -6.74
C ASP A 494 -4.19 7.71 -5.74
N LEU A 495 -4.58 6.77 -4.92
CA LEU A 495 -5.75 6.96 -4.05
C LEU A 495 -5.47 7.90 -2.92
N VAL A 496 -4.30 7.78 -2.31
CA VAL A 496 -3.88 8.54 -1.13
C VAL A 496 -2.45 9.02 -1.36
N SER A 497 -2.20 10.28 -1.17
CA SER A 497 -0.86 10.87 -1.39
C SER A 497 -0.33 11.43 -0.07
N TYR A 498 0.98 11.65 -0.01
CA TYR A 498 1.57 12.17 1.23
C TYR A 498 2.96 12.71 0.91
N ASP A 499 3.43 13.56 1.82
CA ASP A 499 4.87 13.88 1.90
C ASP A 499 5.36 13.38 3.26
N ALA A 500 6.52 13.83 3.68
CA ALA A 500 7.05 13.37 4.96
C ALA A 500 6.18 13.74 6.16
N GLY A 501 5.30 14.72 6.02
CA GLY A 501 4.53 15.22 7.17
C GLY A 501 3.02 15.14 7.10
N SER A 502 2.42 15.00 5.94
CA SER A 502 0.96 15.11 5.83
C SER A 502 0.42 14.20 4.74
N VAL A 503 -0.88 13.97 4.83
CA VAL A 503 -1.63 13.08 3.93
C VAL A 503 -2.68 13.85 3.15
N ILE A 504 -2.90 13.45 1.92
CA ILE A 504 -3.91 14.01 1.00
C ILE A 504 -4.86 12.90 0.59
N LYS A 505 -6.14 13.04 0.93
CA LYS A 505 -7.22 12.10 0.57
C LYS A 505 -7.84 12.53 -0.75
N SER A 506 -7.74 11.74 -1.79
CA SER A 506 -8.19 12.12 -3.13
C SER A 506 -9.73 12.06 -3.27
N THR A 507 -10.19 12.62 -4.38
CA THR A 507 -11.59 12.45 -4.76
C THR A 507 -11.95 10.96 -4.82
N SER A 508 -11.12 10.16 -5.48
CA SER A 508 -11.31 8.71 -5.59
C SER A 508 -11.35 8.04 -4.22
N PHE A 509 -10.51 8.49 -3.29
CA PHE A 509 -10.56 7.96 -1.91
C PHE A 509 -11.97 8.11 -1.36
N PHE A 510 -12.52 9.32 -1.49
CA PHE A 510 -13.85 9.56 -0.92
C PHE A 510 -14.91 8.73 -1.63
N ALA A 511 -14.80 8.49 -2.94
CA ALA A 511 -15.75 7.61 -3.65
C ALA A 511 -15.63 6.18 -3.07
N GLN A 512 -14.39 5.70 -2.89
CA GLN A 512 -14.17 4.34 -2.32
C GLN A 512 -14.78 4.27 -0.91
N LYS A 513 -14.54 5.30 -0.09
CA LYS A 513 -15.02 5.34 1.28
C LYS A 513 -16.58 5.38 1.30
N LEU A 514 -17.17 6.22 0.45
CA LEU A 514 -18.65 6.30 0.42
C LEU A 514 -19.24 4.94 0.02
N PHE A 515 -18.62 4.25 -0.92
CA PHE A 515 -19.17 2.95 -1.34
C PHE A 515 -19.01 1.90 -0.23
N ALA A 516 -17.82 1.87 0.39
CA ALA A 516 -17.49 0.80 1.35
C ALA A 516 -18.19 0.98 2.70
N LEU A 517 -18.39 2.22 3.14
CA LEU A 517 -18.99 2.46 4.47
C LEU A 517 -20.53 2.43 4.43
N ASN A 518 -21.12 2.40 3.25
CA ASN A 518 -22.59 2.48 3.09
C ASN A 518 -23.00 1.30 2.24
N LYS A 519 -22.82 0.09 2.76
CA LYS A 519 -22.98 -1.15 1.96
C LYS A 519 -23.69 -2.17 2.81
N GLY A 520 -24.89 -2.52 2.42
CA GLY A 520 -25.67 -3.58 3.11
C GLY A 520 -25.27 -4.98 2.70
N ASP A 521 -25.85 -5.96 3.34
CA ASP A 521 -25.65 -7.37 2.98
C ASP A 521 -26.71 -7.90 2.00
N GLN A 522 -27.75 -7.16 1.72
CA GLN A 522 -28.75 -7.52 0.72
C GLN A 522 -28.66 -6.62 -0.49
N TYR A 523 -28.59 -7.15 -1.68
CA TYR A 523 -28.65 -6.33 -2.92
C TYR A 523 -30.12 -6.26 -3.34
N LEU A 524 -30.61 -5.03 -3.50
CA LEU A 524 -32.01 -4.83 -3.89
C LEU A 524 -32.04 -4.47 -5.37
N PRO A 525 -32.58 -5.35 -6.23
CA PRO A 525 -32.62 -5.04 -7.65
C PRO A 525 -33.49 -3.82 -7.89
N SER A 526 -33.08 -3.07 -8.89
CA SER A 526 -33.77 -1.84 -9.27
C SER A 526 -33.81 -1.72 -10.78
N THR A 527 -34.64 -0.79 -11.26
CA THR A 527 -34.63 -0.40 -12.67
C THR A 527 -33.17 -0.23 -13.11
N LEU A 528 -32.82 -0.82 -14.24
CA LEU A 528 -31.43 -0.72 -14.70
C LEU A 528 -31.14 0.67 -15.23
N PRO A 529 -29.93 1.18 -14.96
CA PRO A 529 -29.43 2.34 -15.67
C PRO A 529 -29.34 2.09 -17.17
N THR A 530 -29.26 3.17 -17.94
CA THR A 530 -28.97 3.08 -19.38
C THR A 530 -27.55 2.55 -19.57
N ASN A 531 -27.44 1.49 -20.37
CA ASN A 531 -26.13 0.91 -20.70
C ASN A 531 -25.43 1.89 -21.62
N GLY A 532 -24.33 2.47 -21.14
CA GLY A 532 -23.59 3.49 -21.90
C GLY A 532 -23.85 4.89 -21.39
N GLY A 533 -24.81 5.05 -20.50
CA GLY A 533 -25.19 6.38 -20.01
C GLY A 533 -24.30 6.87 -18.89
N THR A 534 -24.51 8.12 -18.47
CA THR A 534 -23.70 8.78 -17.43
C THR A 534 -24.27 8.61 -16.03
N LEU A 535 -25.53 8.19 -15.89
CA LEU A 535 -26.19 8.13 -14.57
C LEU A 535 -26.40 6.68 -14.16
N HIS A 536 -25.86 6.34 -13.01
CA HIS A 536 -25.89 4.96 -12.49
C HIS A 536 -26.22 4.95 -11.00
N TRP A 537 -26.71 3.81 -10.53
CA TRP A 537 -27.09 3.67 -9.10
C TRP A 537 -27.00 2.20 -8.70
N SER A 538 -26.98 1.99 -7.40
CA SER A 538 -26.99 0.63 -6.82
C SER A 538 -27.57 0.79 -5.43
N ILE A 539 -28.44 -0.12 -5.03
CA ILE A 539 -29.12 -0.06 -3.74
C ILE A 539 -28.87 -1.37 -2.97
N THR A 540 -28.39 -1.22 -1.74
CA THR A 540 -28.23 -2.36 -0.82
C THR A 540 -28.93 -2.07 0.49
N ARG A 541 -29.13 -3.10 1.32
CA ARG A 541 -29.88 -2.99 2.55
C ARG A 541 -29.20 -3.84 3.61
N ALA A 542 -29.12 -3.29 4.81
CA ALA A 542 -28.64 -4.03 6.00
C ALA A 542 -29.80 -4.88 6.53
N SER A 543 -29.63 -6.20 6.48
CA SER A 543 -30.70 -7.16 6.86
C SER A 543 -31.08 -6.96 8.33
N SER A 544 -30.17 -6.57 9.21
CA SER A 544 -30.44 -6.50 10.66
C SER A 544 -31.17 -5.20 11.06
N SER A 545 -30.92 -4.08 10.39
CA SER A 545 -31.39 -2.72 10.80
C SER A 545 -32.43 -2.16 9.82
N GLY A 546 -32.42 -2.60 8.57
CA GLY A 546 -33.23 -1.95 7.51
C GLY A 546 -32.58 -0.70 6.96
N LYS A 547 -31.39 -0.34 7.39
CA LYS A 547 -30.70 0.78 6.74
C LYS A 547 -30.49 0.43 5.28
N THR A 548 -30.83 1.35 4.39
CA THR A 548 -30.92 1.15 2.95
C THR A 548 -30.10 2.26 2.28
N PHE A 549 -29.11 1.85 1.52
CA PHE A 549 -28.05 2.70 0.97
C PHE A 549 -28.25 2.81 -0.52
N ILE A 550 -28.69 4.00 -0.94
CA ILE A 550 -28.93 4.30 -2.36
C ILE A 550 -27.72 5.09 -2.86
N LYS A 551 -26.90 4.45 -3.67
CA LYS A 551 -25.64 5.05 -4.17
C LYS A 551 -25.85 5.47 -5.61
N ILE A 552 -25.55 6.74 -5.91
CA ILE A 552 -25.86 7.33 -7.23
C ILE A 552 -24.60 8.02 -7.77
N ALA A 553 -24.23 7.65 -8.97
CA ALA A 553 -23.08 8.28 -9.66
C ALA A 553 -23.64 9.01 -10.86
N ASN A 554 -23.43 10.33 -10.89
CA ASN A 554 -23.70 11.11 -12.10
C ASN A 554 -22.34 11.51 -12.66
N ALA A 555 -21.89 10.77 -13.66
CA ALA A 555 -20.54 10.94 -14.22
C ALA A 555 -20.56 11.89 -15.40
N GLY A 556 -21.68 12.56 -15.63
CA GLY A 556 -21.81 13.51 -16.76
C GLY A 556 -21.91 14.96 -16.36
N SER A 557 -22.03 15.81 -17.38
CA SER A 557 -21.89 17.28 -17.21
C SER A 557 -23.21 17.97 -16.88
N SER A 558 -24.34 17.25 -16.84
CA SER A 558 -25.64 17.85 -16.51
C SER A 558 -26.25 17.18 -15.28
N ALA A 559 -26.93 17.95 -14.45
CA ALA A 559 -27.73 17.40 -13.35
C ALA A 559 -28.83 16.52 -13.93
N GLN A 560 -29.22 15.48 -13.18
CA GLN A 560 -30.31 14.61 -13.60
C GLN A 560 -31.21 14.31 -12.42
N SER A 561 -32.50 14.29 -12.66
CA SER A 561 -33.48 14.00 -11.60
C SER A 561 -33.78 12.50 -11.59
N LEU A 562 -33.89 11.96 -10.39
CA LEU A 562 -34.34 10.57 -10.15
C LEU A 562 -35.57 10.60 -9.27
N THR A 563 -36.52 9.75 -9.61
CA THR A 563 -37.68 9.49 -8.73
C THR A 563 -37.53 8.03 -8.27
N PHE A 564 -37.31 7.84 -6.99
CA PHE A 564 -37.21 6.50 -6.41
C PHE A 564 -38.59 6.06 -5.95
N GLN A 565 -38.93 4.85 -6.33
CA GLN A 565 -40.20 4.23 -5.95
C GLN A 565 -39.90 3.05 -5.04
N LEU A 566 -40.29 3.19 -3.78
CA LEU A 566 -40.04 2.19 -2.70
C LEU A 566 -41.38 1.70 -2.15
N THR A 567 -42.42 1.69 -3.00
CA THR A 567 -43.78 1.32 -2.59
C THR A 567 -43.93 -0.16 -2.29
N GLN A 568 -42.93 -0.99 -2.59
CA GLN A 568 -42.96 -2.40 -2.16
C GLN A 568 -42.68 -2.52 -0.67
N PHE A 569 -42.08 -1.52 -0.04
CA PHE A 569 -41.81 -1.58 1.41
C PHE A 569 -43.05 -1.20 2.22
N ASN A 570 -43.20 -1.81 3.38
CA ASN A 570 -44.30 -1.44 4.31
C ASN A 570 -44.03 -0.06 4.88
N SER A 571 -42.77 0.24 5.21
CA SER A 571 -42.41 1.54 5.80
C SER A 571 -41.10 2.04 5.22
N VAL A 572 -41.02 3.35 5.01
CA VAL A 572 -39.79 4.04 4.61
C VAL A 572 -39.71 5.28 5.47
N SER A 573 -38.54 5.57 5.98
CA SER A 573 -38.36 6.76 6.82
C SER A 573 -38.69 8.03 6.02
N SER A 574 -39.22 9.02 6.73
CA SER A 574 -39.65 10.29 6.12
C SER A 574 -38.46 11.23 5.92
N THR A 575 -37.32 10.93 6.53
CA THR A 575 -36.07 11.63 6.19
C THR A 575 -34.96 10.60 5.94
N GLY A 576 -34.01 11.04 5.15
CA GLY A 576 -32.80 10.27 4.93
C GLY A 576 -31.59 11.13 5.12
N THR A 577 -30.46 10.50 5.30
CA THR A 577 -29.16 11.19 5.23
C THR A 577 -28.73 11.26 3.78
N LEU A 578 -28.07 12.37 3.43
CA LEU A 578 -27.52 12.59 2.09
C LEU A 578 -26.03 12.91 2.27
N GLN A 579 -25.19 12.15 1.60
CA GLN A 579 -23.73 12.43 1.56
C GLN A 579 -23.40 12.64 0.10
N VAL A 580 -22.77 13.76 -0.23
CA VAL A 580 -22.47 14.14 -1.64
CA VAL A 580 -22.46 14.03 -1.65
C VAL A 580 -21.02 14.54 -1.80
N LEU A 581 -20.37 13.94 -2.80
CA LEU A 581 -19.03 14.31 -3.28
C LEU A 581 -19.19 14.93 -4.67
N THR A 582 -18.91 16.21 -4.80
CA THR A 582 -19.03 16.87 -6.10
C THR A 582 -18.13 18.09 -6.12
N GLY A 583 -17.98 18.62 -7.31
CA GLY A 583 -17.20 19.84 -7.55
C GLY A 583 -16.99 20.04 -9.03
N PRO A 584 -16.12 20.99 -9.41
CA PRO A 584 -15.77 21.15 -10.81
C PRO A 584 -15.21 19.85 -11.37
N GLU A 585 -15.48 19.60 -12.63
CA GLU A 585 -15.07 18.39 -13.35
C GLU A 585 -13.61 18.05 -13.07
N THR A 586 -12.69 18.97 -13.27
CA THR A 586 -11.25 18.70 -13.22
C THR A 586 -10.66 18.99 -11.85
N ALA A 587 -11.46 19.29 -10.83
CA ALA A 587 -10.93 19.59 -9.50
C ALA A 587 -10.32 18.32 -8.89
N SER A 588 -9.27 18.54 -8.12
CA SER A 588 -8.48 17.50 -7.41
CA SER A 588 -8.56 17.48 -7.37
C SER A 588 -8.10 18.03 -6.03
N ASN A 589 -7.86 17.14 -5.11
CA ASN A 589 -7.12 17.45 -3.88
C ASN A 589 -5.62 17.32 -4.13
N THR A 590 -4.87 18.35 -3.74
CA THR A 590 -3.42 18.45 -4.05
C THR A 590 -2.69 18.81 -2.78
N PRO A 591 -1.35 18.73 -2.77
CA PRO A 591 -0.61 19.20 -1.60
C PRO A 591 -0.92 20.65 -1.23
N GLU A 592 -1.12 21.49 -2.25
CA GLU A 592 -1.40 22.92 -2.05
C GLU A 592 -2.84 23.13 -1.57
N ALA A 593 -3.78 22.28 -1.95
CA ALA A 593 -5.22 22.41 -1.58
C ALA A 593 -5.74 21.01 -1.26
N PRO A 594 -5.40 20.48 -0.07
CA PRO A 594 -5.65 19.09 0.20
C PRO A 594 -7.13 18.76 0.50
N GLN A 595 -7.91 19.81 0.79
CA GLN A 595 -9.33 19.62 1.12
C GLN A 595 -10.19 20.43 0.16
N ALA A 596 -9.77 20.59 -1.07
CA ALA A 596 -10.61 21.27 -2.09
C ALA A 596 -11.97 20.59 -2.25
N ILE A 597 -11.97 19.27 -2.33
CA ILE A 597 -13.16 18.45 -2.62
C ILE A 597 -13.35 17.47 -1.49
N VAL A 598 -14.37 17.64 -0.66
CA VAL A 598 -14.64 16.68 0.42
C VAL A 598 -16.15 16.45 0.46
N PRO A 599 -16.60 15.31 1.01
CA PRO A 599 -18.03 15.06 1.05
C PRO A 599 -18.74 16.05 1.97
N LYS A 600 -20.02 16.26 1.67
CA LYS A 600 -20.91 17.07 2.52
C LYS A 600 -22.11 16.21 2.92
N THR A 601 -22.48 16.31 4.19
CA THR A 601 -23.59 15.55 4.79
C THR A 601 -24.74 16.50 5.09
N SER A 602 -25.96 16.05 4.78
CA SER A 602 -27.20 16.80 5.05
C SER A 602 -28.35 15.82 5.22
N THR A 603 -29.53 16.33 5.39
CA THR A 603 -30.75 15.51 5.48
CA THR A 603 -30.78 15.53 5.50
C THR A 603 -31.65 15.86 4.28
N ILE A 604 -32.37 14.88 3.79
CA ILE A 604 -33.34 15.09 2.70
C ILE A 604 -34.64 14.39 3.00
N GLY A 605 -35.69 14.98 2.44
CA GLY A 605 -37.05 14.45 2.55
C GLY A 605 -37.19 13.22 1.72
N THR A 606 -37.65 12.15 2.34
N THR A 606 -37.65 12.15 2.34
CA THR A 606 -37.84 10.85 1.69
CA THR A 606 -37.84 10.85 1.69
C THR A 606 -39.23 10.32 2.00
C THR A 606 -39.23 10.32 2.00
N GLY A 607 -39.53 9.13 1.49
CA GLY A 607 -40.84 8.50 1.66
C GLY A 607 -40.95 7.34 0.74
N LYS A 608 -42.16 6.82 0.56
CA LYS A 608 -42.33 5.66 -0.33
C LYS A 608 -42.03 5.98 -1.78
N THR A 609 -42.19 7.25 -2.17
CA THR A 609 -41.74 7.77 -3.46
C THR A 609 -41.07 9.10 -3.17
N PHE A 610 -39.89 9.35 -3.72
CA PHE A 610 -39.25 10.67 -3.49
C PHE A 610 -38.26 10.97 -4.62
N THR A 611 -37.99 12.24 -4.81
CA THR A 611 -37.08 12.70 -5.86
C THR A 611 -35.74 13.14 -5.28
N TYR A 612 -34.75 13.08 -6.15
CA TYR A 612 -33.39 13.58 -5.87
C TYR A 612 -32.78 14.09 -7.17
N ASN A 613 -32.28 15.33 -7.14
CA ASN A 613 -31.54 15.94 -8.26
C ASN A 613 -30.05 15.65 -8.07
N ALA A 614 -29.52 14.71 -8.86
CA ALA A 614 -28.10 14.38 -8.78
C ALA A 614 -27.30 15.40 -9.57
N PRO A 615 -26.44 16.19 -8.89
CA PRO A 615 -25.68 17.19 -9.62
C PRO A 615 -24.76 16.57 -10.69
N ALA A 616 -24.41 17.34 -11.71
CA ALA A 616 -23.30 17.01 -12.62
C ALA A 616 -22.09 16.59 -11.78
N PHE A 617 -21.41 15.55 -12.25
CA PHE A 617 -20.14 15.11 -11.63
C PHE A 617 -20.27 14.97 -10.12
N SER A 618 -21.11 14.01 -9.72
CA SER A 618 -21.35 13.77 -8.28
C SER A 618 -21.40 12.28 -7.97
N VAL A 619 -21.05 12.02 -6.73
CA VAL A 619 -21.33 10.73 -6.07
C VAL A 619 -22.20 11.04 -4.85
N SER A 620 -23.36 10.40 -4.77
CA SER A 620 -24.30 10.66 -3.68
C SER A 620 -24.67 9.34 -2.99
N VAL A 621 -24.85 9.40 -1.68
CA VAL A 621 -25.39 8.26 -0.93
C VAL A 621 -26.58 8.81 -0.15
N ILE A 622 -27.74 8.21 -0.38
CA ILE A 622 -28.96 8.51 0.40
C ILE A 622 -29.21 7.28 1.27
N THR A 623 -29.34 7.49 2.57
CA THR A 623 -29.61 6.41 3.52
C THR A 623 -30.98 6.60 4.14
N VAL A 624 -31.84 5.62 3.97
CA VAL A 624 -33.18 5.60 4.59
C VAL A 624 -33.34 4.32 5.38
N THR A 625 -34.34 4.22 6.22
CA THR A 625 -34.63 2.94 6.90
C THR A 625 -35.89 2.38 6.23
N THR A 626 -35.85 1.12 5.82
CA THR A 626 -36.97 0.44 5.18
C THR A 626 -37.31 -0.86 5.90
N ASN A 627 -38.60 -1.19 5.96
CA ASN A 627 -39.07 -2.49 6.48
C ASN A 627 -40.32 -2.93 5.73
C1 NAG B . -18.31 -19.39 -17.29
C2 NAG B . -17.71 -20.19 -18.41
C3 NAG B . -16.89 -19.43 -19.38
C4 NAG B . -17.54 -18.09 -19.78
C5 NAG B . -17.96 -17.37 -18.50
C6 NAG B . -18.61 -15.94 -18.64
C7 NAG B . -17.28 -22.46 -17.63
C8 NAG B . -16.33 -23.37 -16.90
N2 NAG B . -16.88 -21.21 -17.75
O3 NAG B . -16.59 -20.29 -20.47
O4 NAG B . -16.59 -17.27 -20.45
O5 NAG B . -18.90 -18.21 -17.82
O6 NAG B . -19.78 -16.05 -19.43
O7 NAG B . -18.38 -22.84 -18.00
H1 NAG B . -17.50 -19.12 -16.60
H2 NAG B . -18.53 -20.68 -18.96
H3 NAG B . -15.95 -19.18 -18.88
H4 NAG B . -18.43 -18.28 -20.39
H5 NAG B . -17.07 -17.26 -17.89
H61 NAG B . -17.90 -15.26 -19.12
H62 NAG B . -18.85 -15.55 -17.65
H81 NAG B . -16.15 -23.00 -15.93
H82 NAG B . -16.75 -24.34 -16.84
H83 NAG B . -15.41 -23.42 -17.43
HN2 NAG B . -15.99 -20.93 -17.40
HO3 NAG B . -15.96 -19.83 -21.07
HO6 NAG B . -20.15 -15.16 -19.51
C1 NAG B . -16.48 -17.31 -21.84
C2 NAG B . -15.83 -16.04 -22.36
C3 NAG B . -15.65 -16.10 -23.81
C4 NAG B . -14.98 -17.44 -24.19
C5 NAG B . -15.61 -18.66 -23.54
C6 NAG B . -14.76 -19.91 -23.71
C7 NAG B . -16.19 -13.88 -21.16
C8 NAG B . -17.13 -12.72 -20.88
N2 NAG B . -16.60 -14.87 -21.96
O3 NAG B . -14.74 -15.05 -24.22
O4 NAG B . -15.06 -17.59 -25.59
O5 NAG B . -15.69 -18.43 -22.17
O6 NAG B . -15.46 -21.05 -23.15
O7 NAG B . -15.09 -13.89 -20.66
H1 NAG B . -17.48 -17.43 -22.28
H2 NAG B . -14.83 -15.97 -21.90
H3 NAG B . -16.62 -16.01 -24.33
H4 NAG B . -13.92 -17.40 -23.87
H5 NAG B . -16.62 -18.83 -23.96
H61 NAG B . -13.80 -19.79 -23.21
H62 NAG B . -14.56 -20.09 -24.77
H81 NAG B . -17.99 -13.08 -20.37
H82 NAG B . -16.64 -12.00 -20.28
H83 NAG B . -17.43 -12.27 -21.80
HN2 NAG B . -17.53 -14.80 -22.35
HO3 NAG B . -14.57 -15.12 -25.18
HO6 NAG B . -14.94 -21.83 -23.23
C1 BMA B . -13.85 -17.65 -26.39
C2 BMA B . -13.84 -18.88 -27.34
C3 BMA B . -12.61 -19.03 -28.29
C4 BMA B . -12.76 -17.57 -28.93
C5 BMA B . -12.76 -16.35 -27.94
C6 BMA B . -12.75 -14.89 -28.50
O2 BMA B . -15.14 -18.76 -27.99
O3 BMA B . -12.50 -20.41 -28.98
O4 BMA B . -11.66 -17.17 -29.79
O5 BMA B . -13.91 -16.41 -27.09
O6 BMA B . -12.90 -13.58 -27.83
H1 BMA B . -12.96 -17.67 -25.75
H2 BMA B . -13.86 -19.78 -26.72
H3 BMA B . -11.72 -18.96 -27.64
H4 BMA B . -13.69 -17.54 -29.51
H5 BMA B . -11.87 -16.44 -27.31
H61 BMA B . -13.50 -14.89 -29.29
H62 BMA B . -11.80 -14.81 -29.04
HO2 BMA B . -15.79 -18.64 -27.33
HO3 BMA B . -12.51 -21.17 -28.23
HO4 BMA B . -11.36 -18.09 -30.50
HO6 BMA B . -13.58 -13.66 -27.14
C1 MAN B . -12.84 -12.18 -27.75
C2 MAN B . -12.55 -11.13 -26.62
C3 MAN B . -13.72 -11.04 -25.71
C4 MAN B . -14.90 -10.60 -26.75
C5 MAN B . -15.02 -11.28 -28.19
C6 MAN B . -15.86 -10.67 -29.42
O2 MAN B . -12.08 -9.82 -27.09
O3 MAN B . -13.61 -10.02 -24.58
O4 MAN B . -16.22 -10.64 -26.17
O5 MAN B . -13.57 -11.30 -28.59
O6 MAN B . -16.21 -11.81 -30.15
H1 MAN B . -11.89 -12.45 -28.24
H2 MAN B . -11.74 -11.57 -26.02
H3 MAN B . -13.95 -12.04 -25.30
H4 MAN B . -14.70 -9.54 -26.95
H5 MAN B . -15.35 -12.31 -28.04
H61 MAN B . -15.24 -10.00 -30.02
H62 MAN B . -16.75 -10.14 -29.07
HO2 MAN B . -11.31 -9.94 -27.62
HO3 MAN B . -12.72 -10.67 -23.98
HO4 MAN B . -16.19 -10.21 -25.26
HO6 MAN B . -15.81 -12.54 -29.75
C1 NAG C . 7.98 17.55 -2.10
C2 NAG C . 9.00 18.63 -2.23
C3 NAG C . 8.39 19.99 -1.80
C4 NAG C . 7.05 20.21 -2.47
C5 NAG C . 6.15 19.04 -2.17
C6 NAG C . 4.71 19.05 -2.75
C7 NAG C . 11.35 18.08 -1.96
C8 NAG C . 12.48 17.78 -0.98
N2 NAG C . 10.18 18.32 -1.43
O3 NAG C . 9.32 21.00 -2.10
O4 NAG C . 6.45 21.36 -1.84
O5 NAG C . 6.77 17.86 -2.74
O6 NAG C . 4.81 19.24 -4.16
O7 NAG C . 11.55 18.11 -3.18
H1 NAG C . 7.77 17.42 -1.02
H2 NAG C . 9.27 18.70 -3.29
H3 NAG C . 8.23 19.95 -0.71
H4 NAG C . 7.19 20.33 -3.55
H5 NAG C . 6.08 18.93 -1.09
H61 NAG C . 4.13 19.86 -2.29
H62 NAG C . 4.21 18.10 -2.52
H81 NAG C . 12.23 16.94 -0.39
H82 NAG C . 13.37 17.59 -1.52
H83 NAG C . 12.62 18.62 -0.35
HN2 NAG C . 10.06 18.29 -0.43
HO3 NAG C . 8.98 21.85 -1.77
HO6 NAG C . 3.89 19.18 -4.51
C1 NAG C . 6.06 22.30 -2.85
C2 NAG C . 5.16 23.33 -2.22
C3 NAG C . 4.76 24.37 -3.29
C4 NAG C . 5.96 24.96 -4.05
C5 NAG C . 6.80 23.80 -4.61
C6 NAG C . 8.06 24.26 -5.33
C7 NAG C . 3.69 22.55 -0.45
C8 NAG C . 2.32 21.94 -0.23
N2 NAG C . 3.99 22.75 -1.70
O3 NAG C . 3.98 25.37 -2.66
O4 NAG C . 5.52 25.82 -5.12
O5 NAG C . 7.15 22.90 -3.52
O6 NAG C . 8.91 24.86 -4.33
O7 NAG C . 4.40 22.84 0.44
H1 NAG C . 5.43 21.77 -3.60
H2 NAG C . 5.73 23.85 -1.42
H3 NAG C . 4.13 23.84 -4.03
H4 NAG C . 6.57 25.52 -3.34
H5 NAG C . 6.18 23.25 -5.33
H61 NAG C . 7.82 24.99 -6.11
H62 NAG C . 8.57 23.41 -5.79
H81 NAG C . 2.30 20.95 -0.61
H82 NAG C . 2.11 21.92 0.81
H83 NAG C . 1.58 22.52 -0.73
HN2 NAG C . 3.31 22.47 -2.38
HO3 NAG C . 3.67 26.00 -3.22
HO4 NAG C . 6.32 26.25 -5.53
HO6 NAG C . 9.66 25.05 -4.85
C1 NAG D . 14.54 -18.04 0.89
C2 NAG D . 16.05 -17.89 0.90
C3 NAG D . 16.63 -18.32 -0.45
C4 NAG D . 16.19 -19.75 -0.77
C5 NAG D . 14.65 -19.89 -0.66
C6 NAG D . 14.11 -21.33 -0.85
C7 NAG D . 17.13 -16.10 2.20
C8 NAG D . 17.51 -14.68 2.35
N2 NAG D . 16.41 -16.49 1.16
O3 NAG D . 18.10 -18.27 -0.41
O4 NAG D . 16.58 -20.06 -2.13
O5 NAG D . 14.24 -19.44 0.63
O6 NAG D . 12.64 -21.42 -0.83
O7 NAG D . 17.54 -16.93 3.02
H1 NAG D . 14.16 -17.43 0.06
H2 NAG D . 16.47 -18.55 1.69
H3 NAG D . 16.25 -17.64 -1.22
H4 NAG D . 16.66 -20.45 -0.06
H5 NAG D . 14.19 -19.25 -1.44
H61 NAG D . 14.52 -21.96 -0.07
H62 NAG D . 14.48 -21.72 -1.81
H81 NAG D . 16.65 -14.12 2.64
H82 NAG D . 18.26 -14.58 3.10
H83 NAG D . 17.88 -14.31 1.43
HN2 NAG D . 16.10 -15.80 0.50
HO3 NAG D . 18.43 -18.56 -1.28
HO6 NAG D . 12.36 -22.34 -0.94
C1 NAG D . 17.33 -21.24 -2.34
C2 NAG D . 17.25 -21.61 -3.83
C3 NAG D . 18.22 -22.75 -4.12
C4 NAG D . 19.64 -22.36 -3.67
C5 NAG D . 19.56 -21.99 -2.19
C6 NAG D . 20.89 -21.66 -1.52
C7 NAG D . 15.06 -21.12 -4.72
C8 NAG D . 13.65 -21.62 -4.88
N2 NAG D . 15.91 -21.97 -4.15
O3 NAG D . 18.21 -22.95 -5.52
O4 NAG D . 20.64 -23.45 -3.86
O5 NAG D . 18.66 -20.89 -1.99
O6 NAG D . 21.40 -20.53 -2.24
O7 NAG D . 15.34 -19.95 -5.06
H1 NAG D . 16.95 -22.07 -1.72
H2 NAG D . 17.57 -20.74 -4.42
H3 NAG D . 17.89 -23.65 -3.59
H4 NAG D . 19.96 -21.47 -4.24
H5 NAG D . 19.15 -22.86 -1.65
H61 NAG D . 21.57 -22.50 -1.58
H62 NAG D . 20.73 -21.41 -0.47
H81 NAG D . 13.39 -22.25 -4.07
H82 NAG D . 12.97 -20.81 -4.93
H83 NAG D . 13.58 -22.18 -5.78
HN2 NAG D . 15.60 -22.90 -3.90
HO3 NAG D . 18.78 -23.73 -5.68
HO4 NAG D . 21.59 -23.19 -3.71
HO6 NAG D . 22.26 -20.28 -1.86
C1 NAG E . 18.94 8.89 25.34
C2 NAG E . 17.79 9.54 26.10
C3 NAG E . 17.35 8.65 27.28
C4 NAG E . 17.17 7.19 26.92
C5 NAG E . 18.40 6.68 26.11
C6 NAG E . 18.25 5.26 25.63
C7 NAG E . 17.77 11.95 25.79
C8 NAG E . 18.40 13.26 26.25
N2 NAG E . 18.14 10.87 26.49
O3 NAG E . 16.17 9.26 27.82
O4 NAG E . 17.06 6.40 28.09
O5 NAG E . 18.57 7.55 25.01
O6 NAG E . 17.11 5.20 24.83
O7 NAG E . 17.02 11.90 24.80
H1 NAG E . 19.80 8.85 26.01
H2 NAG E . 16.94 9.59 25.42
H3 NAG E . 18.15 8.70 28.04
H4 NAG E . 16.27 7.11 26.29
H5 NAG E . 19.28 6.72 26.77
H61 NAG E . 18.16 4.57 26.47
H62 NAG E . 19.14 4.97 25.05
H81 NAG E . 19.45 13.18 26.19
H82 NAG E . 18.07 14.05 25.64
H83 NAG E . 18.12 13.45 27.26
HN2 NAG E . 18.75 10.98 27.29
HO3 NAG E . 15.89 8.78 28.65
HO6 NAG E . 17.00 4.30 24.50
C1 NAG E . 15.81 5.73 28.20
C2 NAG E . 15.95 4.58 29.20
C3 NAG E . 14.57 3.97 29.42
C4 NAG E . 13.50 5.01 29.72
C5 NAG E . 13.52 6.10 28.64
C6 NAG E . 12.45 7.17 28.83
C7 NAG E . 18.18 3.55 29.16
C8 NAG E . 19.05 2.48 28.59
N2 NAG E . 16.91 3.57 28.74
O3 NAG E . 14.67 3.08 30.52
O4 NAG E . 12.23 4.35 29.76
O5 NAG E . 14.85 6.69 28.60
O6 NAG E . 12.86 8.04 29.89
O7 NAG E . 18.62 4.36 29.99
H1 NAG E . 15.53 5.30 27.23
H2 NAG E . 16.29 5.00 30.16
H3 NAG E . 14.28 3.42 28.53
H4 NAG E . 13.71 5.48 30.69
H5 NAG E . 13.31 5.61 27.68
H61 NAG E . 11.49 6.72 29.07
H62 NAG E . 12.34 7.75 27.90
H81 NAG E . 19.04 2.54 27.53
H82 NAG E . 20.06 2.62 28.93
H83 NAG E . 18.71 1.53 28.90
HN2 NAG E . 16.60 2.88 28.06
HO3 NAG E . 13.81 2.61 30.68
HO4 NAG E . 11.56 5.13 30.31
HO6 NAG E . 12.21 8.74 29.98
C1 GOL F . 0.45 -4.17 -12.20
O1 GOL F . 0.13 -5.30 -11.46
C2 GOL F . 0.83 -3.01 -11.33
O2 GOL F . 2.06 -3.21 -10.61
C3 GOL F . 0.86 -1.79 -12.19
O3 GOL F . 1.82 -2.01 -13.28
H11 GOL F . -0.32 -3.91 -12.76
H12 GOL F . 1.20 -4.37 -12.79
HO1 GOL F . -0.09 -5.92 -11.99
H2 GOL F . 0.11 -2.87 -10.66
HO2 GOL F . 2.59 -2.60 -10.87
H31 GOL F . 1.13 -1.01 -11.67
H32 GOL F . -0.04 -1.63 -12.58
HO3 GOL F . 2.59 -2.05 -12.95
S SO4 G . -18.07 -13.49 2.46
O1 SO4 G . -17.89 -14.32 3.61
O2 SO4 G . -16.87 -12.65 2.44
O3 SO4 G . -17.99 -14.23 1.25
O4 SO4 G . -19.25 -12.65 2.46
S SO4 H . -39.80 8.37 9.97
O1 SO4 H . -39.34 7.10 10.50
O2 SO4 H . -38.65 9.17 9.66
O3 SO4 H . -40.59 8.19 8.84
O4 SO4 H . -40.57 9.04 10.98
C ACT I . 26.89 15.78 -0.83
O ACT I . 26.62 14.75 -0.33
OXT ACT I . 26.95 16.90 -0.21
CH3 ACT I . 26.97 15.72 -2.36
H1 ACT I . 27.02 16.63 -2.71
H2 ACT I . 26.19 15.28 -2.70
H3 ACT I . 27.77 15.23 -2.63
C ACT J . -27.86 8.92 -19.13
O ACT J . -27.72 8.01 -18.22
OXT ACT J . -27.01 9.16 -20.14
CH3 ACT J . -28.99 9.91 -18.94
H1 ACT J . -29.33 9.85 -18.04
H2 ACT J . -29.69 9.72 -19.57
H3 ACT J . -28.65 10.82 -19.10
S SO4 K . -39.34 7.43 -16.77
O1 SO4 K . -38.99 8.03 -18.03
O2 SO4 K . -38.20 6.78 -16.25
O3 SO4 K . -40.41 6.48 -16.97
O4 SO4 K . -39.79 8.46 -15.86
S SO4 L . -42.99 -12.51 -1.10
O1 SO4 L . -41.96 -12.04 -0.18
O2 SO4 L . -42.22 -13.49 -1.90
O3 SO4 L . -43.40 -11.37 -1.91
O4 SO4 L . -44.01 -13.12 -0.41
S SO4 M . 28.84 21.58 7.16
O1 SO4 M . 30.13 21.84 7.72
O2 SO4 M . 28.76 20.33 6.61
O3 SO4 M . 28.55 22.55 6.15
O4 SO4 M . 27.83 21.67 8.21
S SO4 N . 30.74 6.59 -9.33
O1 SO4 N . 31.81 6.34 -8.42
O2 SO4 N . 30.35 5.36 -9.96
O3 SO4 N . 31.17 7.52 -10.32
O4 SO4 N . 29.66 7.13 -8.64
C1 GOL O . 1.07 -3.53 -16.19
O1 GOL O . 0.97 -3.63 -14.79
C2 GOL O . 0.07 -2.64 -16.88
O2 GOL O . -0.22 -3.23 -18.13
C3 GOL O . -1.23 -2.35 -16.17
O3 GOL O . -2.19 -3.43 -16.08
H11 GOL O . 0.99 -4.42 -16.57
H12 GOL O . 1.97 -3.18 -16.40
HO1 GOL O . 1.57 -4.18 -14.56
H2 GOL O . 0.53 -1.78 -17.05
HO2 GOL O . -0.99 -3.14 -18.26
H31 GOL O . -1.67 -1.59 -16.64
H32 GOL O . -1.02 -2.05 -15.25
HO3 GOL O . -1.87 -4.10 -16.48
C1 GOL P . 4.79 -5.68 -19.63
O1 GOL P . 5.12 -4.70 -20.61
C2 GOL P . 5.97 -6.59 -19.44
O2 GOL P . 7.05 -5.96 -18.74
C3 GOL P . 5.65 -7.89 -18.74
O3 GOL P . 6.78 -8.72 -18.75
H11 GOL P . 4.01 -6.21 -19.93
H12 GOL P . 4.58 -5.24 -18.77
HO1 GOL P . 4.44 -4.09 -20.47
H2 GOL P . 6.31 -6.82 -20.34
HO2 GOL P . 7.26 -6.48 -18.10
H31 GOL P . 4.90 -8.33 -19.22
H32 GOL P . 5.36 -7.71 -17.81
HO3 GOL P . 7.42 -8.28 -19.08
S SO4 Q . 8.89 -28.09 6.30
O1 SO4 Q . 8.83 -28.35 7.70
O2 SO4 Q . 9.67 -29.11 5.67
O3 SO4 Q . 9.52 -26.85 6.11
O4 SO4 Q . 7.55 -28.03 5.67
CL CL R . -12.63 10.86 -20.33
S SO4 S . -20.23 -16.14 -22.94
O1 SO4 S . -19.55 -15.34 -21.99
O2 SO4 S . -19.35 -16.84 -23.84
O3 SO4 S . -21.10 -15.29 -23.73
O4 SO4 S . -21.06 -17.05 -22.27
C ACT T . -5.82 10.59 9.31
O ACT T . -5.91 10.32 10.55
OXT ACT T . -6.56 10.04 8.42
CH3 ACT T . -4.72 11.60 8.81
H1 ACT T . -4.18 11.89 9.56
H2 ACT T . -5.15 12.38 8.41
H3 ACT T . -4.15 11.17 8.15
S SO4 U . -18.88 -20.26 -5.22
O1 SO4 U . -18.78 -19.55 -3.97
O2 SO4 U . -17.89 -21.29 -5.26
O3 SO4 U . -18.65 -19.37 -6.29
O4 SO4 U . -20.19 -20.82 -5.35
S SO4 V . -36.50 17.82 -0.03
O1 SO4 V . -35.45 17.59 0.89
O2 SO4 V . -36.20 17.20 -1.30
O3 SO4 V . -36.61 19.22 -0.24
O4 SO4 V . -37.74 17.28 0.51
S SO4 W . 27.12 7.35 28.48
O1 SO4 W . 27.46 7.36 29.86
O2 SO4 W . 28.04 6.53 27.78
O3 SO4 W . 27.19 8.68 27.94
O4 SO4 W . 25.80 6.82 28.31
S SO4 X . 16.67 26.37 11.13
O1 SO4 X . 16.73 25.44 12.20
O2 SO4 X . 17.83 26.22 10.36
O3 SO4 X . 16.57 27.63 11.73
O4 SO4 X . 15.51 26.11 10.31
C ACT Y . -38.28 -0.99 -14.65
O ACT Y . -37.53 -1.70 -15.48
OXT ACT Y . -38.18 -1.06 -13.44
CH3 ACT Y . -39.32 0.02 -15.23
H1 ACT Y . -40.02 0.17 -14.57
H2 ACT Y . -39.71 -0.35 -16.03
H3 ACT Y . -38.87 0.85 -15.42
#